data_3K3C
#
_entry.id   3K3C
#
_cell.length_a   209.069
_cell.length_b   63.823
_cell.length_c   61.305
_cell.angle_alpha   90.00
_cell.angle_beta   89.95
_cell.angle_gamma   90.00
#
_symmetry.space_group_name_H-M   'C 1 2 1'
#
loop_
_entity.id
_entity.type
_entity.pdbx_description
1 polymer 'Protein Rv1364c/MT1410'
2 non-polymer 'PALMITIC ACID'
3 non-polymer 'SULFATE ION'
4 non-polymer GLYCEROL
5 water water
#
_entity_poly.entity_id   1
_entity_poly.type   'polypeptide(L)'
_entity_poly.pdbx_seq_one_letter_code
;GAMAAEMDWDKTVGAAEDVRRIFEHIPAILVGLEGPDHRFVAVNAAYRGFSPLLDTVGQPAREVYPELEGQQIYEMLDRV
YQTGEPQSGSEWRLQTDYDGSGVEERYFDFVVTPRRRADGSIEGVQLIVDDVTSRVRARQAAEARVEELSERYRNVRD
;
_entity_poly.pdbx_strand_id   A,B,C,D
#
loop_
_chem_comp.id
_chem_comp.type
_chem_comp.name
_chem_comp.formula
GOL non-polymer GLYCEROL 'C3 H8 O3'
PLM non-polymer 'PALMITIC ACID' 'C16 H32 O2'
SO4 non-polymer 'SULFATE ION' 'O4 S -2'
#
# COMPACT_ATOMS: atom_id res chain seq x y z
N GLY A 1 42.42 3.14 -0.96
CA GLY A 1 42.78 3.42 -2.38
C GLY A 1 42.45 4.84 -2.72
N ALA A 2 42.98 5.35 -3.84
CA ALA A 2 42.75 6.74 -4.22
C ALA A 2 41.27 6.93 -4.49
N MET A 3 40.82 8.18 -4.37
CA MET A 3 39.44 8.47 -4.72
C MET A 3 39.22 8.20 -6.19
N ALA A 4 38.04 7.68 -6.49
CA ALA A 4 37.69 7.27 -7.84
C ALA A 4 37.66 8.48 -8.75
N ALA A 5 38.15 8.29 -9.97
CA ALA A 5 38.15 9.33 -10.98
C ALA A 5 36.71 9.53 -11.42
N GLU A 6 36.49 10.52 -12.28
CA GLU A 6 35.14 10.85 -12.73
C GLU A 6 34.41 9.60 -13.23
N MET A 7 33.10 9.57 -12.99
CA MET A 7 32.29 8.44 -13.42
CA MET A 7 32.25 8.46 -13.43
C MET A 7 32.35 8.26 -14.93
N ASP A 8 32.49 7.01 -15.35
CA ASP A 8 32.37 6.61 -16.74
C ASP A 8 30.89 6.29 -16.88
N TRP A 9 30.14 7.23 -17.45
CA TRP A 9 28.70 7.08 -17.52
C TRP A 9 28.28 5.88 -18.35
N ASP A 10 28.94 5.69 -19.46
CA ASP A 10 28.62 4.60 -20.37
C ASP A 10 28.72 3.26 -19.68
N LYS A 11 29.72 3.08 -18.83
CA LYS A 11 29.92 1.82 -18.13
C LYS A 11 29.08 1.67 -16.88
N THR A 12 28.86 2.77 -16.18
CA THR A 12 28.21 2.75 -14.87
C THR A 12 26.69 2.86 -14.98
N VAL A 13 26.21 3.68 -15.90
CA VAL A 13 24.79 3.96 -16.03
C VAL A 13 24.25 3.28 -17.28
N GLY A 14 24.98 3.43 -18.37
CA GLY A 14 24.55 2.95 -19.66
C GLY A 14 24.83 4.00 -20.72
N ALA A 15 24.90 3.58 -21.98
CA ALA A 15 25.10 4.52 -23.08
C ALA A 15 23.88 5.45 -23.16
N ALA A 16 24.11 6.70 -23.52
CA ALA A 16 23.04 7.72 -23.45
C ALA A 16 21.82 7.37 -24.31
N GLU A 17 22.04 6.95 -25.56
CA GLU A 17 20.90 6.62 -26.40
C GLU A 17 20.10 5.42 -25.86
N ASP A 18 20.79 4.40 -25.37
CA ASP A 18 20.14 3.23 -24.73
C ASP A 18 19.36 3.68 -23.54
N VAL A 19 20.00 4.47 -22.66
CA VAL A 19 19.33 4.89 -21.41
C VAL A 19 18.07 5.69 -21.77
N ARG A 20 18.12 6.52 -22.78
CA ARG A 20 16.93 7.29 -23.16
C ARG A 20 15.77 6.40 -23.64
N ARG A 21 16.09 5.37 -24.41
N ARG A 21 16.09 5.36 -24.42
CA ARG A 21 15.09 4.43 -24.88
CA ARG A 21 15.09 4.39 -24.87
C ARG A 21 14.50 3.64 -23.71
C ARG A 21 14.48 3.65 -23.68
N ILE A 22 15.32 3.24 -22.75
CA ILE A 22 14.81 2.55 -21.58
CA ILE A 22 14.87 2.57 -21.52
C ILE A 22 13.95 3.51 -20.74
N PHE A 23 14.44 4.72 -20.47
CA PHE A 23 13.67 5.70 -19.71
C PHE A 23 12.28 5.91 -20.31
N GLU A 24 12.25 6.08 -21.62
CA GLU A 24 11.01 6.27 -22.35
C GLU A 24 10.00 5.15 -22.07
N HIS A 25 10.48 3.94 -21.83
CA HIS A 25 9.61 2.76 -21.71
C HIS A 25 9.54 2.18 -20.29
N ILE A 26 10.14 2.86 -19.29
CA ILE A 26 9.97 2.39 -17.94
C ILE A 26 8.50 2.42 -17.54
N PRO A 27 7.96 1.31 -16.99
CA PRO A 27 6.55 1.26 -16.65
C PRO A 27 6.19 1.99 -15.36
N ALA A 28 6.45 3.28 -15.36
CA ALA A 28 6.20 4.22 -14.25
C ALA A 28 6.29 5.61 -14.80
N ILE A 29 5.54 6.53 -14.21
CA ILE A 29 5.53 7.93 -14.63
C ILE A 29 6.81 8.59 -14.13
N LEU A 30 7.67 9.03 -15.04
CA LEU A 30 8.96 9.64 -14.69
C LEU A 30 9.01 11.00 -15.31
N VAL A 31 9.56 11.95 -14.55
N VAL A 31 9.44 11.99 -14.54
CA VAL A 31 9.58 13.35 -14.95
CA VAL A 31 9.59 13.34 -15.08
C VAL A 31 10.87 13.98 -14.47
C VAL A 31 10.77 14.06 -14.48
N GLY A 32 11.54 14.68 -15.37
CA GLY A 32 12.66 15.54 -14.97
C GLY A 32 12.35 16.97 -15.33
N LEU A 33 12.71 17.87 -14.42
CA LEU A 33 12.49 19.29 -14.57
C LEU A 33 13.81 20.03 -14.39
N GLU A 34 13.93 21.20 -15.00
CA GLU A 34 15.17 21.96 -14.88
CA GLU A 34 15.16 21.98 -14.93
C GLU A 34 14.93 23.45 -14.59
N GLY A 35 15.83 23.98 -13.80
CA GLY A 35 15.87 25.42 -13.50
C GLY A 35 14.82 25.84 -12.53
N PRO A 36 14.86 27.12 -12.17
CA PRO A 36 14.02 27.65 -11.12
C PRO A 36 12.54 27.70 -11.48
N ASP A 37 12.23 27.63 -12.78
CA ASP A 37 10.85 27.57 -13.29
C ASP A 37 10.37 26.18 -13.57
N HIS A 38 11.12 25.17 -13.16
CA HIS A 38 10.64 23.77 -13.28
C HIS A 38 10.17 23.42 -14.69
N ARG A 39 11.03 23.69 -15.66
CA ARG A 39 10.75 23.37 -17.05
C ARG A 39 10.88 21.87 -17.31
N PHE A 40 9.90 21.31 -17.98
CA PHE A 40 10.00 19.93 -18.38
C PHE A 40 11.25 19.71 -19.25
N VAL A 41 12.11 18.74 -18.88
CA VAL A 41 13.32 18.41 -19.66
CA VAL A 41 13.29 18.40 -19.69
C VAL A 41 13.37 16.92 -20.02
N ALA A 42 12.61 16.09 -19.29
CA ALA A 42 12.54 14.67 -19.64
C ALA A 42 11.20 14.15 -19.22
N VAL A 43 10.50 13.46 -20.12
CA VAL A 43 9.24 12.81 -19.77
C VAL A 43 9.11 11.55 -20.60
N ASN A 44 8.48 10.53 -20.02
CA ASN A 44 8.39 9.25 -20.69
C ASN A 44 6.98 8.92 -21.15
N ALA A 45 6.83 7.78 -21.79
CA ALA A 45 5.56 7.39 -22.40
C ALA A 45 4.44 7.26 -21.37
N ALA A 46 4.78 6.73 -20.21
CA ALA A 46 3.80 6.61 -19.12
C ALA A 46 3.31 8.00 -18.75
N TYR A 47 4.21 8.95 -18.55
N TYR A 47 4.20 8.97 -18.54
CA TYR A 47 3.79 10.29 -18.22
CA TYR A 47 3.75 10.32 -18.21
C TYR A 47 2.83 10.83 -19.29
C TYR A 47 2.82 10.86 -19.30
N ARG A 48 3.22 10.74 -20.56
CA ARG A 48 2.42 11.35 -21.61
CA ARG A 48 2.43 11.31 -21.64
C ARG A 48 1.11 10.59 -21.82
N GLY A 49 1.08 9.32 -21.47
CA GLY A 49 -0.14 8.54 -21.59
C GLY A 49 -1.17 8.94 -20.53
N PHE A 50 -0.67 9.21 -19.33
CA PHE A 50 -1.58 9.63 -18.23
C PHE A 50 -2.00 11.10 -18.37
N SER A 51 -1.10 11.93 -18.88
CA SER A 51 -1.32 13.37 -18.98
C SER A 51 -0.85 13.86 -20.36
N PRO A 52 -1.65 13.62 -21.42
CA PRO A 52 -1.27 13.95 -22.77
C PRO A 52 -1.29 15.42 -23.14
N LEU A 53 -1.46 16.28 -22.15
CA LEU A 53 -1.47 17.75 -22.36
C LEU A 53 -0.13 18.38 -22.70
N LEU A 54 0.96 17.71 -22.37
CA LEU A 54 2.25 18.30 -22.61
C LEU A 54 2.65 18.14 -24.10
N ASP A 55 2.93 19.24 -24.82
CA ASP A 55 3.51 19.11 -26.17
C ASP A 55 5.03 18.87 -26.02
N THR A 56 5.91 19.61 -26.70
CA THR A 56 7.34 19.33 -26.60
C THR A 56 7.83 19.69 -25.20
N VAL A 57 8.92 19.07 -24.75
CA VAL A 57 9.52 19.46 -23.49
C VAL A 57 9.88 20.93 -23.57
N GLY A 58 10.16 21.53 -22.43
CA GLY A 58 10.63 22.90 -22.41
C GLY A 58 9.82 23.88 -21.59
N GLN A 59 8.53 23.62 -21.38
CA GLN A 59 7.64 24.57 -20.69
C GLN A 59 7.78 24.48 -19.20
N PRO A 60 7.67 25.61 -18.49
CA PRO A 60 7.50 25.59 -17.05
C PRO A 60 6.28 24.77 -16.68
N ALA A 61 6.43 23.92 -15.69
CA ALA A 61 5.34 23.04 -15.24
C ALA A 61 4.07 23.86 -14.89
N ARG A 62 4.26 25.02 -14.26
CA ARG A 62 3.13 25.86 -13.85
C ARG A 62 2.24 26.27 -15.02
N GLU A 63 2.80 26.34 -16.22
CA GLU A 63 1.98 26.76 -17.38
C GLU A 63 1.07 25.62 -17.84
N VAL A 64 1.47 24.38 -17.54
CA VAL A 64 0.72 23.19 -17.94
C VAL A 64 -0.34 22.86 -16.89
N TYR A 65 0.00 23.04 -15.61
CA TYR A 65 -0.94 22.72 -14.53
C TYR A 65 -1.07 23.91 -13.56
N PRO A 66 -1.67 25.02 -14.05
CA PRO A 66 -1.68 26.24 -13.24
C PRO A 66 -2.45 26.14 -11.94
N GLU A 67 -3.47 25.29 -11.89
CA GLU A 67 -4.32 25.20 -10.72
C GLU A 67 -3.53 24.75 -9.50
N LEU A 68 -2.42 24.05 -9.73
CA LEU A 68 -1.65 23.48 -8.63
C LEU A 68 -0.93 24.55 -7.83
N GLU A 69 -0.96 25.79 -8.33
CA GLU A 69 -0.48 26.95 -7.57
C GLU A 69 -1.31 27.22 -6.33
N GLY A 70 -2.53 26.68 -6.30
CA GLY A 70 -3.39 26.75 -5.12
C GLY A 70 -3.29 25.56 -4.20
N GLN A 71 -2.38 24.64 -4.52
CA GLN A 71 -2.33 23.35 -3.86
C GLN A 71 -0.89 22.96 -3.47
N GLN A 72 -0.07 23.95 -3.19
CA GLN A 72 1.23 23.75 -2.54
C GLN A 72 2.33 23.20 -3.44
N ILE A 73 1.99 22.80 -4.66
CA ILE A 73 2.94 22.03 -5.46
C ILE A 73 4.18 22.81 -5.87
N TYR A 74 4.02 24.02 -6.38
CA TYR A 74 5.17 24.77 -6.89
C TYR A 74 6.00 25.30 -5.73
N GLU A 75 5.33 25.60 -4.62
CA GLU A 75 6.05 25.98 -3.39
CA GLU A 75 5.98 25.97 -3.37
C GLU A 75 6.92 24.79 -2.95
N MET A 76 6.38 23.58 -3.04
CA MET A 76 7.13 22.36 -2.70
CA MET A 76 7.11 22.37 -2.71
C MET A 76 8.33 22.16 -3.62
N LEU A 77 8.09 22.25 -4.93
CA LEU A 77 9.16 22.06 -5.89
C LEU A 77 10.24 23.11 -5.67
N ASP A 78 9.81 24.34 -5.40
CA ASP A 78 10.79 25.39 -5.14
C ASP A 78 11.67 24.99 -3.99
N ARG A 79 11.08 24.50 -2.91
CA ARG A 79 11.85 24.10 -1.74
CA ARG A 79 11.88 24.15 -1.75
C ARG A 79 12.92 23.07 -2.05
N VAL A 80 12.55 22.08 -2.85
CA VAL A 80 13.49 21.04 -3.22
C VAL A 80 14.64 21.65 -4.02
N TYR A 81 14.28 22.53 -4.95
CA TYR A 81 15.25 23.18 -5.83
C TYR A 81 16.21 24.09 -5.07
N GLN A 82 15.66 24.79 -4.08
CA GLN A 82 16.43 25.79 -3.31
C GLN A 82 17.29 25.14 -2.24
N THR A 83 16.70 24.24 -1.47
CA THR A 83 17.36 23.72 -0.27
C THR A 83 17.99 22.40 -0.47
N GLY A 84 17.62 21.70 -1.53
CA GLY A 84 18.08 20.34 -1.74
C GLY A 84 17.40 19.29 -0.90
N GLU A 85 16.42 19.67 -0.08
N GLU A 85 16.42 19.67 -0.10
CA GLU A 85 15.73 18.72 0.76
CA GLU A 85 15.73 18.72 0.75
C GLU A 85 14.67 17.99 -0.06
C GLU A 85 14.67 17.98 -0.08
N PRO A 86 14.79 16.65 -0.20
CA PRO A 86 13.84 15.92 -1.00
C PRO A 86 12.50 15.87 -0.30
N GLN A 87 11.45 15.51 -1.05
CA GLN A 87 10.13 15.42 -0.49
C GLN A 87 9.37 14.26 -1.07
N SER A 88 8.39 13.80 -0.34
CA SER A 88 7.54 12.73 -0.84
C SER A 88 6.11 13.01 -0.44
N GLY A 89 5.19 12.30 -1.08
CA GLY A 89 3.80 12.38 -0.70
C GLY A 89 3.11 11.05 -0.86
N SER A 90 2.15 10.79 0.00
CA SER A 90 1.33 9.58 -0.07
C SER A 90 -0.13 10.02 -0.27
N GLU A 91 -0.72 9.59 -1.37
CA GLU A 91 -2.10 9.92 -1.71
C GLU A 91 -2.42 11.43 -1.63
N TRP A 92 -1.53 12.29 -2.12
CA TRP A 92 -1.84 13.71 -2.27
C TRP A 92 -3.00 13.88 -3.26
N ARG A 93 -4.06 14.56 -2.85
CA ARG A 93 -5.28 14.75 -3.66
C ARG A 93 -5.17 16.08 -4.34
N LEU A 94 -5.02 16.09 -5.68
CA LEU A 94 -4.76 17.29 -6.46
C LEU A 94 -5.76 17.47 -7.58
N GLN A 95 -6.15 18.72 -7.81
CA GLN A 95 -7.16 19.07 -8.81
C GLN A 95 -6.57 19.95 -9.90
N THR A 96 -6.54 19.42 -11.11
CA THR A 96 -6.13 20.18 -12.27
C THR A 96 -6.68 19.40 -13.49
N ASP A 97 -6.42 19.90 -14.69
CA ASP A 97 -6.80 19.24 -15.94
C ASP A 97 -5.58 18.45 -16.37
N TYR A 98 -5.72 17.12 -16.39
CA TYR A 98 -4.63 16.23 -16.70
C TYR A 98 -4.60 15.77 -18.17
N ASP A 99 -5.77 15.61 -18.78
CA ASP A 99 -5.85 15.05 -20.13
C ASP A 99 -6.71 15.88 -21.11
N GLY A 100 -7.15 17.07 -20.73
CA GLY A 100 -8.01 17.88 -21.58
C GLY A 100 -9.50 17.61 -21.45
N SER A 101 -9.85 16.69 -20.55
CA SER A 101 -11.26 16.42 -20.29
C SER A 101 -11.88 17.32 -19.24
N GLY A 102 -11.07 18.17 -18.61
CA GLY A 102 -11.54 19.09 -17.57
C GLY A 102 -10.86 18.85 -16.25
N VAL A 103 -10.92 19.85 -15.39
CA VAL A 103 -10.38 19.73 -14.05
C VAL A 103 -11.02 18.58 -13.30
N GLU A 104 -10.18 17.78 -12.66
CA GLU A 104 -10.64 16.61 -11.92
C GLU A 104 -9.66 16.37 -10.77
N GLU A 105 -10.10 15.56 -9.83
CA GLU A 105 -9.32 15.14 -8.67
CA GLU A 105 -9.26 15.18 -8.69
C GLU A 105 -8.57 13.82 -8.95
N ARG A 106 -7.26 13.80 -8.72
CA ARG A 106 -6.45 12.60 -8.79
C ARG A 106 -5.65 12.51 -7.52
N TYR A 107 -5.22 11.28 -7.22
CA TYR A 107 -4.40 11.02 -6.05
C TYR A 107 -3.08 10.46 -6.48
N PHE A 108 -2.03 10.95 -5.80
CA PHE A 108 -0.66 10.64 -6.19
C PHE A 108 0.19 10.25 -5.02
N ASP A 109 0.98 9.20 -5.24
CA ASP A 109 2.18 8.97 -4.43
C ASP A 109 3.37 9.52 -5.24
N PHE A 110 4.35 10.15 -4.61
CA PHE A 110 5.51 10.64 -5.38
C PHE A 110 6.71 10.77 -4.49
N VAL A 111 7.88 10.80 -5.12
CA VAL A 111 9.12 11.16 -4.49
C VAL A 111 9.81 12.14 -5.43
N VAL A 112 10.34 13.22 -4.89
CA VAL A 112 11.03 14.25 -5.68
C VAL A 112 12.37 14.57 -5.04
N THR A 113 13.42 14.55 -5.85
CA THR A 113 14.77 14.85 -5.36
C THR A 113 15.40 15.93 -6.22
N PRO A 114 16.36 16.66 -5.66
CA PRO A 114 17.11 17.58 -6.46
C PRO A 114 18.14 16.91 -7.35
N ARG A 115 18.64 17.65 -8.32
CA ARG A 115 19.69 17.17 -9.22
C ARG A 115 20.78 18.24 -9.25
N ARG A 116 22.02 17.81 -9.02
CA ARG A 116 23.13 18.69 -8.94
C ARG A 116 24.07 18.65 -10.14
N ARG A 117 24.60 19.82 -10.47
CA ARG A 117 25.61 19.90 -11.48
C ARG A 117 26.96 19.61 -10.82
N ALA A 118 28.04 19.59 -11.61
CA ALA A 118 29.36 19.19 -11.11
C ALA A 118 29.83 19.99 -9.89
N ASP A 119 29.53 21.29 -9.87
CA ASP A 119 29.99 22.17 -8.79
C ASP A 119 29.15 22.08 -7.53
N GLY A 120 28.15 21.19 -7.53
CA GLY A 120 27.32 20.98 -6.35
C GLY A 120 26.03 21.79 -6.34
N SER A 121 25.89 22.75 -7.26
CA SER A 121 24.70 23.58 -7.30
C SER A 121 23.59 22.77 -7.92
N ILE A 122 22.36 23.12 -7.55
CA ILE A 122 21.17 22.39 -7.98
C ILE A 122 20.71 22.96 -9.31
N GLU A 123 20.53 22.07 -10.30
CA GLU A 123 20.11 22.47 -11.65
C GLU A 123 18.66 22.13 -11.96
N GLY A 124 18.05 21.31 -11.11
CA GLY A 124 16.66 20.93 -11.32
C GLY A 124 16.26 19.91 -10.32
N VAL A 125 15.15 19.22 -10.62
CA VAL A 125 14.60 18.17 -9.79
C VAL A 125 14.07 17.06 -10.69
N GLN A 126 13.86 15.89 -10.11
CA GLN A 126 13.16 14.81 -10.86
C GLN A 126 12.29 13.99 -9.94
N LEU A 127 11.33 13.27 -10.51
CA LEU A 127 10.37 12.60 -9.69
C LEU A 127 9.96 11.28 -10.28
N ILE A 128 9.56 10.39 -9.40
CA ILE A 128 8.68 9.27 -9.78
C ILE A 128 7.29 9.60 -9.22
N VAL A 129 6.26 9.36 -10.03
CA VAL A 129 4.86 9.55 -9.65
C VAL A 129 4.09 8.27 -9.84
N ASP A 130 3.19 7.95 -8.89
CA ASP A 130 2.30 6.80 -9.02
C ASP A 130 0.90 7.39 -8.92
N ASP A 131 0.16 7.27 -10.01
CA ASP A 131 -1.25 7.69 -10.04
C ASP A 131 -2.10 6.63 -9.35
N VAL A 132 -2.51 6.91 -8.10
CA VAL A 132 -3.19 5.95 -7.27
C VAL A 132 -4.70 6.22 -7.16
N THR A 133 -5.21 7.05 -8.08
CA THR A 133 -6.62 7.47 -8.03
C THR A 133 -7.54 6.28 -8.01
N SER A 134 -7.35 5.33 -8.93
CA SER A 134 -8.27 4.23 -9.04
C SER A 134 -8.18 3.29 -7.83
N ARG A 135 -7.00 3.21 -7.24
CA ARG A 135 -6.76 2.35 -6.09
C ARG A 135 -7.43 2.97 -4.86
N VAL A 136 -7.31 4.29 -4.69
CA VAL A 136 -8.03 4.97 -3.60
C VAL A 136 -9.54 4.79 -3.77
N ARG A 137 -10.02 4.96 -4.99
CA ARG A 137 -11.46 4.83 -5.23
CA ARG A 137 -11.45 4.82 -5.24
C ARG A 137 -11.96 3.42 -4.95
N ALA A 138 -11.14 2.42 -5.29
CA ALA A 138 -11.50 1.03 -5.02
C ALA A 138 -11.55 0.76 -3.50
N ARG A 139 -10.57 1.30 -2.78
CA ARG A 139 -10.56 1.14 -1.34
C ARG A 139 -11.84 1.75 -0.77
N GLN A 140 -12.17 2.93 -1.24
CA GLN A 140 -13.38 3.61 -0.74
C GLN A 140 -14.65 2.81 -1.03
N ALA A 141 -14.73 2.25 -2.21
CA ALA A 141 -15.90 1.46 -2.58
C ALA A 141 -16.00 0.19 -1.74
N ALA A 142 -14.86 -0.41 -1.45
CA ALA A 142 -14.83 -1.63 -0.67
C ALA A 142 -15.26 -1.34 0.76
N GLU A 143 -14.83 -0.19 1.29
CA GLU A 143 -15.22 0.25 2.63
C GLU A 143 -16.72 0.49 2.69
N ALA A 144 -17.25 1.16 1.67
CA ALA A 144 -18.68 1.42 1.59
C ALA A 144 -19.45 0.09 1.65
N ARG A 145 -18.91 -0.93 1.00
CA ARG A 145 -19.58 -2.24 0.94
C ARG A 145 -19.61 -2.91 2.32
N VAL A 146 -18.47 -2.91 3.03
CA VAL A 146 -18.43 -3.58 4.32
C VAL A 146 -19.27 -2.79 5.33
N GLU A 147 -19.25 -1.46 5.24
CA GLU A 147 -20.14 -0.59 6.02
C GLU A 147 -21.60 -0.97 5.83
N GLU A 148 -21.98 -1.13 4.57
CA GLU A 148 -23.36 -1.47 4.25
C GLU A 148 -23.75 -2.87 4.79
N LEU A 149 -22.87 -3.87 4.60
CA LEU A 149 -23.15 -5.22 5.10
C LEU A 149 -23.28 -5.26 6.63
N SER A 150 -22.46 -4.48 7.32
CA SER A 150 -22.41 -4.49 8.78
C SER A 150 -23.60 -3.75 9.40
N GLU A 151 -24.21 -2.88 8.61
CA GLU A 151 -25.35 -2.04 9.02
C GLU A 151 -26.68 -2.74 8.81
N ARG A 152 -26.66 -3.88 8.12
CA ARG A 152 -27.91 -4.53 7.74
C ARG A 152 -28.02 -5.96 8.26
N GLY B 1 -6.10 13.60 -39.95
CA GLY B 1 -4.73 14.10 -40.30
C GLY B 1 -3.84 12.93 -40.65
N ALA B 2 -2.73 13.18 -41.36
CA ALA B 2 -1.84 12.08 -41.73
C ALA B 2 -1.25 11.47 -40.48
N MET B 3 -0.80 10.23 -40.61
CA MET B 3 -0.13 9.59 -39.48
C MET B 3 1.13 10.38 -39.18
N ALA B 4 1.44 10.50 -37.90
CA ALA B 4 2.59 11.26 -37.44
C ALA B 4 3.89 10.62 -37.94
N ALA B 5 4.84 11.48 -38.33
CA ALA B 5 6.14 11.03 -38.79
C ALA B 5 6.89 10.51 -37.58
N GLU B 6 8.07 9.96 -37.82
CA GLU B 6 8.90 9.41 -36.74
C GLU B 6 9.01 10.38 -35.55
N MET B 7 9.04 9.81 -34.35
CA MET B 7 9.17 10.59 -33.12
CA MET B 7 9.14 10.60 -33.14
C MET B 7 10.44 11.41 -33.16
N ASP B 8 10.33 12.68 -32.77
CA ASP B 8 11.48 13.54 -32.53
C ASP B 8 11.77 13.32 -31.05
N TRP B 9 12.74 12.48 -30.79
CA TRP B 9 13.04 12.08 -29.42
C TRP B 9 13.45 13.30 -28.56
N ASP B 10 14.24 14.19 -29.12
CA ASP B 10 14.72 15.35 -28.37
C ASP B 10 13.58 16.19 -27.86
N LYS B 11 12.54 16.33 -28.68
CA LYS B 11 11.42 17.20 -28.31
C LYS B 11 10.38 16.49 -27.49
N THR B 12 10.20 15.19 -27.73
CA THR B 12 9.12 14.42 -27.10
C THR B 12 9.56 13.80 -25.76
N VAL B 13 10.78 13.31 -25.71
CA VAL B 13 11.28 12.62 -24.52
C VAL B 13 12.27 13.52 -23.77
N GLY B 14 13.18 14.11 -24.54
CA GLY B 14 14.26 14.89 -23.99
C GLY B 14 15.57 14.56 -24.68
N ALA B 15 16.53 15.45 -24.56
CA ALA B 15 17.85 15.21 -25.17
C ALA B 15 18.50 14.03 -24.45
N ALA B 16 19.26 13.23 -25.21
CA ALA B 16 19.76 11.96 -24.67
C ALA B 16 20.65 12.15 -23.43
N GLU B 17 21.58 13.11 -23.48
CA GLU B 17 22.45 13.33 -22.31
C GLU B 17 21.68 13.79 -21.07
N ASP B 18 20.71 14.69 -21.27
CA ASP B 18 19.83 15.14 -20.20
C ASP B 18 19.04 13.97 -19.64
N VAL B 19 18.43 13.17 -20.51
CA VAL B 19 17.57 12.09 -20.05
C VAL B 19 18.41 11.09 -19.25
N ARG B 20 19.64 10.85 -19.67
CA ARG B 20 20.49 9.90 -18.91
C ARG B 20 20.81 10.42 -17.48
N ARG B 21 21.08 11.72 -17.38
N ARG B 21 21.08 11.71 -17.37
CA ARG B 21 21.33 12.35 -16.08
CA ARG B 21 21.34 12.33 -16.07
C ARG B 21 20.10 12.25 -15.19
C ARG B 21 20.10 12.26 -15.18
N ILE B 22 18.93 12.52 -15.76
CA ILE B 22 17.71 12.41 -14.99
CA ILE B 22 17.65 12.38 -15.05
C ILE B 22 17.46 10.95 -14.59
N PHE B 23 17.56 9.99 -15.53
CA PHE B 23 17.39 8.57 -15.22
C PHE B 23 18.28 8.17 -14.03
N GLU B 24 19.54 8.57 -14.09
CA GLU B 24 20.53 8.24 -13.09
C GLU B 24 20.06 8.66 -11.70
N HIS B 25 19.32 9.76 -11.63
CA HIS B 25 18.91 10.35 -10.35
C HIS B 25 17.42 10.22 -10.02
N ILE B 26 16.65 9.47 -10.82
CA ILE B 26 15.26 9.23 -10.46
C ILE B 26 15.21 8.51 -9.11
N PRO B 27 14.41 9.00 -8.14
CA PRO B 27 14.33 8.36 -6.83
C PRO B 27 13.49 7.07 -6.80
N ALA B 28 13.94 6.09 -7.57
CA ALA B 28 13.31 4.77 -7.69
C ALA B 28 14.31 3.88 -8.35
N ILE B 29 14.28 2.58 -8.05
CA ILE B 29 15.18 1.60 -8.66
C ILE B 29 14.72 1.33 -10.06
N LEU B 30 15.54 1.65 -11.05
CA LEU B 30 15.19 1.49 -12.47
C LEU B 30 16.26 0.62 -13.07
N VAL B 31 15.82 -0.30 -13.94
CA VAL B 31 16.71 -1.27 -14.57
CA VAL B 31 16.77 -1.18 -14.63
C VAL B 31 16.29 -1.54 -15.99
N GLY B 32 17.21 -1.46 -16.94
CA GLY B 32 16.90 -1.94 -18.30
C GLY B 32 17.84 -3.07 -18.63
N LEU B 33 17.29 -4.07 -19.32
CA LEU B 33 17.99 -5.28 -19.68
C LEU B 33 17.85 -5.45 -21.20
N GLU B 34 18.86 -6.06 -21.84
N GLU B 34 18.77 -6.20 -21.78
CA GLU B 34 18.81 -6.33 -23.29
CA GLU B 34 18.86 -6.36 -23.22
C GLU B 34 19.11 -7.77 -23.67
C GLU B 34 19.07 -7.81 -23.61
N GLY B 35 18.37 -8.23 -24.67
CA GLY B 35 18.64 -9.50 -25.31
C GLY B 35 18.10 -10.67 -24.51
N PRO B 36 18.25 -11.87 -25.07
CA PRO B 36 17.65 -13.05 -24.50
C PRO B 36 18.27 -13.53 -23.19
N ASP B 37 19.49 -13.06 -22.91
CA ASP B 37 20.20 -13.30 -21.65
C ASP B 37 20.04 -12.18 -20.62
N HIS B 38 19.14 -11.23 -20.86
CA HIS B 38 18.82 -10.20 -19.87
C HIS B 38 20.06 -9.50 -19.31
N ARG B 39 20.87 -8.98 -20.21
CA ARG B 39 22.06 -8.26 -19.87
C ARG B 39 21.72 -6.87 -19.38
N PHE B 40 22.35 -6.48 -18.28
CA PHE B 40 22.15 -5.13 -17.80
C PHE B 40 22.61 -4.13 -18.85
N VAL B 41 21.75 -3.18 -19.22
CA VAL B 41 22.10 -2.11 -20.18
CA VAL B 41 22.16 -2.11 -20.14
C VAL B 41 21.85 -0.72 -19.62
N ALA B 42 21.04 -0.61 -18.57
CA ALA B 42 20.87 0.68 -17.93
C ALA B 42 20.53 0.45 -16.47
N VAL B 43 21.24 1.14 -15.57
CA VAL B 43 20.93 1.04 -14.16
C VAL B 43 21.24 2.41 -13.53
N ASN B 44 20.48 2.77 -12.53
CA ASN B 44 20.60 4.08 -11.91
C ASN B 44 21.19 4.03 -10.50
N ALA B 45 21.36 5.21 -9.92
CA ALA B 45 22.01 5.28 -8.62
C ALA B 45 21.24 4.55 -7.52
N ALA B 46 19.93 4.66 -7.55
CA ALA B 46 19.07 3.93 -6.62
C ALA B 46 19.34 2.44 -6.73
N TYR B 47 19.36 1.89 -7.93
CA TYR B 47 19.64 0.46 -8.10
CA TYR B 47 19.62 0.47 -8.10
C TYR B 47 20.98 0.13 -7.48
N ARG B 48 22.02 0.86 -7.83
CA ARG B 48 23.36 0.52 -7.39
CA ARG B 48 23.37 0.55 -7.37
C ARG B 48 23.51 0.72 -5.88
N GLY B 49 22.74 1.63 -5.32
CA GLY B 49 22.79 1.87 -3.88
C GLY B 49 22.18 0.73 -3.09
N PHE B 50 21.09 0.19 -3.62
CA PHE B 50 20.42 -0.95 -2.94
C PHE B 50 21.16 -2.28 -3.18
N SER B 51 21.77 -2.40 -4.35
CA SER B 51 22.45 -3.64 -4.74
C SER B 51 23.77 -3.28 -5.41
N PRO B 52 24.79 -2.95 -4.60
CA PRO B 52 26.09 -2.52 -5.12
C PRO B 52 26.97 -3.60 -5.74
N LEU B 53 26.43 -4.80 -5.91
CA LEU B 53 27.16 -5.93 -6.53
C LEU B 53 27.43 -5.82 -8.03
N LEU B 54 26.67 -5.01 -8.72
CA LEU B 54 26.89 -4.87 -10.14
C LEU B 54 28.11 -3.97 -10.45
N ASP B 55 29.12 -4.48 -11.17
CA ASP B 55 30.20 -3.59 -11.64
C ASP B 55 29.72 -2.80 -12.88
N THR B 56 30.31 -2.98 -14.06
CA THR B 56 29.85 -2.18 -15.21
C THR B 56 28.66 -2.90 -15.82
N VAL B 57 27.83 -2.17 -16.58
CA VAL B 57 26.72 -2.80 -17.28
C VAL B 57 27.25 -3.84 -18.23
N GLY B 58 26.37 -4.71 -18.71
CA GLY B 58 26.73 -5.69 -19.70
C GLY B 58 26.56 -7.14 -19.31
N GLN B 59 26.53 -7.49 -18.02
CA GLN B 59 26.42 -8.91 -17.61
C GLN B 59 24.99 -9.40 -17.67
N PRO B 60 24.78 -10.68 -18.03
CA PRO B 60 23.49 -11.31 -17.84
C PRO B 60 23.09 -11.27 -16.39
N ALA B 61 21.84 -10.91 -16.12
CA ALA B 61 21.35 -10.75 -14.74
C ALA B 61 21.55 -12.05 -13.93
N ARG B 62 21.38 -13.20 -14.58
CA ARG B 62 21.53 -14.49 -13.90
C ARG B 62 22.93 -14.67 -13.29
N GLU B 63 23.93 -14.00 -13.85
CA GLU B 63 25.29 -14.18 -13.32
C GLU B 63 25.45 -13.42 -12.03
N VAL B 64 24.65 -12.38 -11.86
CA VAL B 64 24.73 -11.52 -10.68
C VAL B 64 23.86 -12.02 -9.56
N TYR B 65 22.71 -12.59 -9.91
CA TYR B 65 21.78 -13.13 -8.89
C TYR B 65 21.39 -14.54 -9.24
N PRO B 66 22.36 -15.46 -9.15
CA PRO B 66 22.08 -16.80 -9.65
C PRO B 66 21.00 -17.58 -8.90
N GLU B 67 20.81 -17.26 -7.63
CA GLU B 67 19.88 -18.02 -6.81
C GLU B 67 18.46 -17.86 -7.30
N LEU B 68 18.20 -16.76 -8.01
CA LEU B 68 16.84 -16.48 -8.46
C LEU B 68 16.39 -17.43 -9.57
N GLU B 69 17.29 -18.27 -10.08
CA GLU B 69 16.91 -19.38 -10.95
C GLU B 69 16.06 -20.42 -10.28
N GLY B 70 16.08 -20.41 -8.94
CA GLY B 70 15.22 -21.28 -8.15
C GLY B 70 13.93 -20.64 -7.75
N GLN B 71 13.69 -19.40 -8.20
CA GLN B 71 12.60 -18.60 -7.69
C GLN B 71 11.84 -17.91 -8.83
N GLN B 72 11.79 -18.57 -9.98
CA GLN B 72 10.88 -18.18 -11.08
C GLN B 72 11.29 -16.93 -11.85
N ILE B 73 12.31 -16.24 -11.41
CA ILE B 73 12.56 -14.90 -11.94
C ILE B 73 12.97 -14.89 -13.42
N TYR B 74 13.89 -15.76 -13.80
CA TYR B 74 14.43 -15.73 -15.18
C TYR B 74 13.43 -16.38 -16.13
N GLU B 75 12.65 -17.33 -15.62
CA GLU B 75 11.55 -17.86 -16.40
CA GLU B 75 11.52 -17.88 -16.35
C GLU B 75 10.53 -16.73 -16.69
N MET B 76 10.25 -15.90 -15.70
CA MET B 76 9.35 -14.75 -15.86
CA MET B 76 9.35 -14.75 -15.83
C MET B 76 9.89 -13.75 -16.87
N LEU B 77 11.15 -13.38 -16.73
CA LEU B 77 11.74 -12.44 -17.66
C LEU B 77 11.76 -13.00 -19.05
N ASP B 78 12.05 -14.27 -19.18
CA ASP B 78 12.03 -14.88 -20.50
C ASP B 78 10.65 -14.74 -21.10
N ARG B 79 9.61 -14.96 -20.32
CA ARG B 79 8.24 -14.86 -20.84
CA ARG B 79 8.27 -14.90 -20.94
C ARG B 79 7.91 -13.47 -21.39
N VAL B 80 8.34 -12.45 -20.67
CA VAL B 80 8.11 -11.09 -21.09
C VAL B 80 8.85 -10.84 -22.40
N TYR B 81 10.08 -11.32 -22.50
CA TYR B 81 10.94 -11.09 -23.66
C TYR B 81 10.42 -11.83 -24.88
N GLN B 82 9.89 -13.01 -24.63
CA GLN B 82 9.43 -13.88 -25.75
C GLN B 82 8.05 -13.48 -26.24
N THR B 83 7.11 -13.27 -25.31
CA THR B 83 5.71 -13.08 -25.65
C THR B 83 5.27 -11.66 -25.70
N GLY B 84 6.05 -10.77 -25.09
CA GLY B 84 5.65 -9.39 -24.97
C GLY B 84 4.64 -9.14 -23.89
N GLU B 85 4.22 -10.15 -23.15
CA GLU B 85 3.24 -9.97 -22.09
CA GLU B 85 3.23 -9.99 -22.09
C GLU B 85 3.91 -9.42 -20.83
N PRO B 86 3.52 -8.19 -20.40
CA PRO B 86 4.14 -7.62 -19.25
C PRO B 86 3.74 -8.35 -18.00
N GLN B 87 4.48 -8.15 -16.92
CA GLN B 87 4.18 -8.83 -15.68
C GLN B 87 4.43 -7.90 -14.52
N SER B 88 3.80 -8.18 -13.41
CA SER B 88 4.06 -7.40 -12.20
C SER B 88 4.06 -8.31 -10.99
N GLY B 89 4.52 -7.78 -9.88
CA GLY B 89 4.47 -8.53 -8.63
C GLY B 89 4.27 -7.61 -7.47
N SER B 90 3.58 -8.13 -6.46
CA SER B 90 3.36 -7.41 -5.22
C SER B 90 3.98 -8.23 -4.08
N GLU B 91 4.91 -7.63 -3.38
CA GLU B 91 5.62 -8.24 -2.27
C GLU B 91 6.16 -9.66 -2.60
N TRP B 92 6.76 -9.83 -3.77
CA TRP B 92 7.47 -11.07 -4.05
C TRP B 92 8.65 -11.22 -3.12
N ARG B 93 8.74 -12.36 -2.44
CA ARG B 93 9.76 -12.64 -1.43
C ARG B 93 10.86 -13.44 -2.09
N LEU B 94 12.04 -12.83 -2.24
CA LEU B 94 13.16 -13.39 -3.00
C LEU B 94 14.44 -13.43 -2.20
N GLN B 95 15.19 -14.52 -2.38
CA GLN B 95 16.41 -14.73 -1.60
C GLN B 95 17.62 -14.82 -2.54
N THR B 96 18.52 -13.87 -2.37
CA THR B 96 19.79 -13.87 -3.07
C THR B 96 20.71 -12.93 -2.28
N ASP B 97 21.94 -12.75 -2.75
CA ASP B 97 22.90 -11.81 -2.17
C ASP B 97 22.76 -10.54 -2.95
N TYR B 98 22.33 -9.48 -2.25
CA TYR B 98 22.06 -8.21 -2.89
C TYR B 98 23.20 -7.22 -2.75
N ASP B 99 23.93 -7.26 -1.63
CA ASP B 99 24.96 -6.28 -1.37
C ASP B 99 26.33 -6.86 -0.96
N GLY B 100 26.53 -8.16 -1.08
CA GLY B 100 27.78 -8.76 -0.62
C GLY B 100 27.80 -9.15 0.85
N SER B 101 26.72 -8.89 1.59
CA SER B 101 26.64 -9.30 2.97
C SER B 101 26.15 -10.73 3.18
N GLY B 102 25.72 -11.39 2.10
CA GLY B 102 25.21 -12.75 2.17
C GLY B 102 23.80 -12.87 1.67
N VAL B 103 23.42 -14.10 1.33
CA VAL B 103 22.05 -14.36 0.91
C VAL B 103 21.06 -13.97 1.98
N GLU B 104 20.01 -13.26 1.57
CA GLU B 104 18.99 -12.78 2.48
C GLU B 104 17.67 -12.68 1.71
N GLU B 105 16.61 -12.54 2.49
CA GLU B 105 15.25 -12.38 1.98
CA GLU B 105 15.27 -12.39 1.91
C GLU B 105 14.89 -10.91 1.85
N ARG B 106 14.43 -10.49 0.68
CA ARG B 106 13.89 -9.17 0.45
C ARG B 106 12.54 -9.31 -0.21
N TYR B 107 11.73 -8.26 -0.09
CA TYR B 107 10.40 -8.23 -0.71
C TYR B 107 10.32 -7.09 -1.69
N PHE B 108 9.69 -7.36 -2.83
CA PHE B 108 9.69 -6.44 -3.96
C PHE B 108 8.32 -6.30 -4.59
N ASP B 109 7.96 -5.06 -4.88
CA ASP B 109 6.92 -4.77 -5.84
C ASP B 109 7.65 -4.44 -7.16
N PHE B 110 7.11 -4.86 -8.28
CA PHE B 110 7.74 -4.51 -9.55
C PHE B 110 6.76 -4.56 -10.69
N VAL B 111 7.12 -3.86 -11.76
CA VAL B 111 6.44 -3.98 -13.04
C VAL B 111 7.54 -4.13 -14.09
N VAL B 112 7.36 -5.09 -15.01
CA VAL B 112 8.30 -5.35 -16.10
C VAL B 112 7.57 -5.37 -17.43
N THR B 113 8.11 -4.65 -18.41
CA THR B 113 7.53 -4.58 -19.74
C THR B 113 8.59 -4.88 -20.79
N PRO B 114 8.17 -5.36 -21.95
CA PRO B 114 9.10 -5.50 -23.03
C PRO B 114 9.46 -4.19 -23.70
N ARG B 115 10.53 -4.22 -24.48
CA ARG B 115 11.00 -3.09 -25.25
C ARG B 115 11.20 -3.54 -26.69
N ARG B 116 10.55 -2.82 -27.62
CA ARG B 116 10.59 -3.16 -29.00
C ARG B 116 11.50 -2.29 -29.85
N ARG B 117 12.11 -2.93 -30.82
CA ARG B 117 12.88 -2.20 -31.81
C ARG B 117 11.91 -1.73 -32.90
N ALA B 118 12.45 -1.00 -33.88
CA ALA B 118 11.62 -0.38 -34.94
C ALA B 118 10.69 -1.37 -35.65
N ASP B 119 11.20 -2.57 -35.93
CA ASP B 119 10.44 -3.56 -36.69
C ASP B 119 9.43 -4.32 -35.85
N GLY B 120 9.31 -3.98 -34.57
CA GLY B 120 8.31 -4.59 -33.71
C GLY B 120 8.83 -5.76 -32.90
N SER B 121 10.05 -6.23 -33.18
CA SER B 121 10.64 -7.33 -32.41
C SER B 121 11.14 -6.84 -31.08
N ILE B 122 11.14 -7.73 -30.10
CA ILE B 122 11.49 -7.37 -28.72
C ILE B 122 13.00 -7.47 -28.55
N GLU B 123 13.59 -6.37 -28.08
CA GLU B 123 15.03 -6.27 -27.88
C GLU B 123 15.48 -6.40 -26.42
N GLY B 124 14.51 -6.34 -25.51
CA GLY B 124 14.82 -6.40 -24.09
C GLY B 124 13.59 -6.13 -23.27
N VAL B 125 13.82 -5.89 -21.99
CA VAL B 125 12.80 -5.55 -21.04
C VAL B 125 13.32 -4.45 -20.09
N GLN B 126 12.39 -3.79 -19.41
CA GLN B 126 12.82 -2.86 -18.35
C GLN B 126 11.83 -2.87 -17.22
N LEU B 127 12.28 -2.40 -16.05
CA LEU B 127 11.47 -2.54 -14.87
C LEU B 127 11.61 -1.35 -13.94
N ILE B 128 10.56 -1.12 -13.21
CA ILE B 128 10.65 -0.37 -11.95
C ILE B 128 10.51 -1.38 -10.82
N VAL B 129 11.35 -1.20 -9.80
CA VAL B 129 11.35 -2.06 -8.61
C VAL B 129 11.20 -1.19 -7.39
N ASP B 130 10.39 -1.67 -6.43
CA ASP B 130 10.27 -0.99 -5.11
C ASP B 130 10.68 -2.05 -4.09
N ASP B 131 11.75 -1.79 -3.38
CA ASP B 131 12.19 -2.62 -2.27
C ASP B 131 11.33 -2.35 -1.06
N VAL B 132 10.38 -3.27 -0.79
CA VAL B 132 9.40 -3.08 0.25
C VAL B 132 9.70 -3.92 1.51
N THR B 133 10.94 -4.40 1.61
CA THR B 133 11.33 -5.28 2.74
C THR B 133 11.03 -4.63 4.07
N SER B 134 11.48 -3.40 4.26
CA SER B 134 11.33 -2.81 5.58
C SER B 134 9.87 -2.47 5.92
N ARG B 135 9.08 -2.19 4.88
CA ARG B 135 7.69 -1.88 5.06
C ARG B 135 6.92 -3.17 5.39
N VAL B 136 7.26 -4.30 4.77
CA VAL B 136 6.66 -5.57 5.14
C VAL B 136 7.02 -5.93 6.58
N ARG B 137 8.28 -5.74 6.94
CA ARG B 137 8.72 -6.09 8.29
CA ARG B 137 8.73 -6.04 8.30
C ARG B 137 8.04 -5.18 9.35
N ALA B 138 7.84 -3.91 9.03
CA ALA B 138 7.12 -3.00 9.93
C ALA B 138 5.65 -3.43 10.12
N ARG B 139 5.02 -3.84 9.04
CA ARG B 139 3.65 -4.29 9.12
C ARG B 139 3.57 -5.50 10.03
N GLN B 140 4.48 -6.43 9.82
CA GLN B 140 4.54 -7.65 10.65
C GLN B 140 4.75 -7.35 12.14
N ALA B 141 5.63 -6.39 12.43
CA ALA B 141 5.91 -6.02 13.81
C ALA B 141 4.68 -5.33 14.43
N ALA B 142 3.99 -4.53 13.65
CA ALA B 142 2.80 -3.84 14.16
C ALA B 142 1.69 -4.85 14.44
N GLU B 143 1.56 -5.85 13.57
CA GLU B 143 0.58 -6.91 13.79
C GLU B 143 0.93 -7.70 15.05
N ALA B 144 2.20 -8.02 15.22
CA ALA B 144 2.63 -8.75 16.42
C ALA B 144 2.24 -7.96 17.68
N ARG B 145 2.33 -6.63 17.58
CA ARG B 145 2.04 -5.77 18.74
C ARG B 145 0.54 -5.80 19.09
N VAL B 146 -0.33 -5.66 18.08
CA VAL B 146 -1.77 -5.65 18.34
C VAL B 146 -2.22 -7.04 18.80
N GLU B 147 -1.65 -8.08 18.21
CA GLU B 147 -1.85 -9.46 18.68
C GLU B 147 -1.55 -9.60 20.17
N GLU B 148 -0.40 -9.09 20.59
CA GLU B 148 -0.01 -9.25 21.99
C GLU B 148 -0.91 -8.40 22.92
N LEU B 149 -1.26 -7.17 22.52
CA LEU B 149 -2.17 -6.34 23.34
C LEU B 149 -3.56 -6.99 23.49
N SER B 150 -4.03 -7.63 22.43
CA SER B 150 -5.37 -8.22 22.40
C SER B 150 -5.44 -9.52 23.20
N GLU B 151 -4.27 -10.16 23.37
CA GLU B 151 -4.13 -11.44 24.06
C GLU B 151 -3.93 -11.27 25.56
N ARG B 152 -3.74 -10.03 26.02
CA ARG B 152 -3.41 -9.81 27.42
C ARG B 152 -4.38 -8.85 28.09
N MET C 7 -10.25 -8.46 36.73
CA MET C 7 -11.01 -7.51 35.88
C MET C 7 -12.52 -7.57 36.16
N ASP C 8 -13.16 -6.41 36.29
CA ASP C 8 -14.61 -6.34 36.34
C ASP C 8 -15.12 -6.19 34.89
N TRP C 9 -15.56 -7.30 34.30
CA TRP C 9 -15.91 -7.32 32.88
C TRP C 9 -17.00 -6.30 32.51
N ASP C 10 -18.05 -6.20 33.31
CA ASP C 10 -19.14 -5.27 32.97
C ASP C 10 -18.68 -3.83 32.93
N LYS C 11 -17.73 -3.48 33.80
CA LYS C 11 -17.29 -2.09 33.92
C LYS C 11 -16.10 -1.75 33.00
N THR C 12 -15.33 -2.76 32.62
CA THR C 12 -14.10 -2.55 31.85
CA THR C 12 -14.10 -2.54 31.84
C THR C 12 -14.27 -2.85 30.36
N VAL C 13 -15.00 -3.94 30.05
CA VAL C 13 -15.32 -4.32 28.68
C VAL C 13 -16.69 -3.79 28.27
N GLY C 14 -17.68 -3.93 29.15
CA GLY C 14 -19.06 -3.53 28.87
C GLY C 14 -19.99 -4.68 29.18
N ALA C 15 -21.28 -4.41 29.35
CA ALA C 15 -22.24 -5.47 29.69
C ALA C 15 -22.36 -6.41 28.51
N ALA C 16 -22.57 -7.70 28.76
CA ALA C 16 -22.49 -8.69 27.66
C ALA C 16 -23.50 -8.43 26.51
N GLU C 17 -24.77 -8.19 26.83
CA GLU C 17 -25.75 -7.83 25.78
C GLU C 17 -25.29 -6.68 24.89
N ASP C 18 -24.83 -5.62 25.54
CA ASP C 18 -24.38 -4.44 24.84
C ASP C 18 -23.19 -4.74 23.98
N VAL C 19 -22.21 -5.47 24.53
CA VAL C 19 -21.01 -5.78 23.77
C VAL C 19 -21.38 -6.64 22.53
N ARG C 20 -22.32 -7.55 22.69
CA ARG C 20 -22.77 -8.35 21.55
C ARG C 20 -23.36 -7.47 20.47
N ARG C 21 -24.18 -6.48 20.86
CA ARG C 21 -24.79 -5.59 19.87
C ARG C 21 -23.75 -4.79 19.09
N ILE C 22 -22.73 -4.32 19.80
CA ILE C 22 -21.64 -3.59 19.13
C ILE C 22 -20.89 -4.53 18.18
N PHE C 23 -20.48 -5.70 18.69
CA PHE C 23 -19.81 -6.72 17.87
C PHE C 23 -20.56 -7.00 16.56
N GLU C 24 -21.86 -7.30 16.68
CA GLU C 24 -22.75 -7.53 15.57
C GLU C 24 -22.58 -6.45 14.47
N HIS C 25 -22.42 -5.19 14.88
CA HIS C 25 -22.36 -4.06 13.94
C HIS C 25 -20.97 -3.49 13.64
N ILE C 26 -19.92 -4.09 14.19
CA ILE C 26 -18.58 -3.62 13.83
C ILE C 26 -18.39 -3.76 12.30
N PRO C 27 -17.95 -2.68 11.64
CA PRO C 27 -17.73 -2.69 10.17
C PRO C 27 -16.45 -3.42 9.73
N ALA C 28 -16.40 -4.71 10.05
CA ALA C 28 -15.30 -5.61 9.69
C ALA C 28 -15.80 -7.03 9.93
N ILE C 29 -15.27 -7.97 9.17
CA ILE C 29 -15.58 -9.40 9.36
C ILE C 29 -14.92 -9.92 10.63
N LEU C 30 -15.73 -10.34 11.60
CA LEU C 30 -15.26 -10.85 12.88
C LEU C 30 -15.80 -12.26 13.12
N VAL C 31 -14.92 -13.15 13.59
CA VAL C 31 -15.28 -14.54 13.90
C VAL C 31 -14.60 -15.03 15.17
N GLY C 32 -15.40 -15.70 15.99
CA GLY C 32 -14.87 -16.42 17.14
C GLY C 32 -15.17 -17.91 17.05
N LEU C 33 -14.16 -18.71 17.38
CA LEU C 33 -14.22 -20.17 17.30
C LEU C 33 -13.80 -20.77 18.63
N GLU C 34 -14.27 -21.97 18.92
CA GLU C 34 -13.88 -22.61 20.18
C GLU C 34 -13.56 -24.08 20.04
N GLY C 35 -12.65 -24.55 20.87
CA GLY C 35 -12.31 -25.97 20.91
C GLY C 35 -11.44 -26.40 19.74
N PRO C 36 -11.02 -27.66 19.75
CA PRO C 36 -10.08 -28.17 18.75
C PRO C 36 -10.69 -28.35 17.37
N ASP C 37 -12.02 -28.37 17.29
CA ASP C 37 -12.73 -28.47 16.01
C ASP C 37 -13.30 -27.14 15.57
N HIS C 38 -12.82 -26.06 16.18
CA HIS C 38 -13.12 -24.69 15.75
C HIS C 38 -14.61 -24.47 15.56
N ARG C 39 -15.38 -24.70 16.61
CA ARG C 39 -16.82 -24.52 16.56
C ARG C 39 -17.12 -23.03 16.57
N PHE C 40 -18.05 -22.59 15.74
CA PHE C 40 -18.47 -21.19 15.72
C PHE C 40 -19.09 -20.74 17.04
N VAL C 41 -18.53 -19.69 17.61
CA VAL C 41 -18.99 -19.09 18.87
C VAL C 41 -19.70 -17.74 18.61
N ALA C 42 -19.17 -16.98 17.65
CA ALA C 42 -19.60 -15.60 17.42
C ALA C 42 -19.31 -15.22 15.99
N VAL C 43 -20.32 -14.69 15.31
CA VAL C 43 -20.12 -14.11 13.96
C VAL C 43 -20.98 -12.89 13.83
N ASN C 44 -20.49 -11.88 13.14
CA ASN C 44 -21.23 -10.63 13.01
C ASN C 44 -21.88 -10.45 11.63
N ALA C 45 -22.60 -9.34 11.45
CA ALA C 45 -23.34 -9.10 10.21
C ALA C 45 -22.40 -9.05 9.01
N ALA C 46 -21.22 -8.48 9.20
CA ALA C 46 -20.21 -8.41 8.13
C ALA C 46 -19.81 -9.83 7.72
N TYR C 47 -19.52 -10.70 8.68
CA TYR C 47 -19.23 -12.09 8.37
C TYR C 47 -20.34 -12.76 7.57
N ARG C 48 -21.57 -12.67 8.08
CA ARG C 48 -22.70 -13.37 7.48
C ARG C 48 -23.11 -12.78 6.12
N GLY C 49 -22.93 -11.48 5.95
CA GLY C 49 -23.22 -10.84 4.66
C GLY C 49 -22.25 -11.31 3.58
N PHE C 50 -21.00 -11.53 3.98
CA PHE C 50 -19.94 -12.04 3.10
CA PHE C 50 -19.98 -12.04 3.07
C PHE C 50 -20.17 -13.52 2.81
N SER C 51 -20.51 -14.28 3.85
CA SER C 51 -20.76 -15.71 3.75
C SER C 51 -22.16 -16.03 4.26
N PRO C 52 -23.18 -15.80 3.41
CA PRO C 52 -24.56 -16.16 3.79
C PRO C 52 -24.78 -17.66 3.98
N LEU C 53 -23.85 -18.48 3.48
CA LEU C 53 -23.96 -19.95 3.60
C LEU C 53 -24.19 -20.42 5.04
N LEU C 54 -23.46 -19.83 5.99
CA LEU C 54 -23.65 -20.16 7.40
C LEU C 54 -25.09 -19.82 7.82
N ASP C 55 -25.73 -20.74 8.53
CA ASP C 55 -27.07 -20.48 9.07
C ASP C 55 -27.05 -20.29 10.58
N THR C 56 -26.02 -20.81 11.25
CA THR C 56 -25.98 -20.74 12.70
C THR C 56 -24.62 -21.02 13.35
N VAL C 57 -24.63 -20.76 14.65
CA VAL C 57 -23.51 -20.84 15.58
C VAL C 57 -23.45 -22.23 16.23
N GLY C 58 -22.26 -22.69 16.58
CA GLY C 58 -22.07 -23.89 17.38
C GLY C 58 -21.53 -25.10 16.65
N GLN C 59 -21.50 -25.04 15.31
CA GLN C 59 -21.01 -26.15 14.51
C GLN C 59 -19.50 -26.05 14.30
N PRO C 60 -18.82 -27.19 14.20
CA PRO C 60 -17.42 -27.22 13.78
C PRO C 60 -17.29 -26.61 12.40
N ALA C 61 -16.25 -25.81 12.21
CA ALA C 61 -16.07 -25.06 10.97
C ALA C 61 -16.10 -25.99 9.75
N ARG C 62 -15.36 -27.10 9.83
CA ARG C 62 -15.32 -28.10 8.76
C ARG C 62 -16.71 -28.63 8.38
N GLU C 63 -17.58 -28.80 9.37
CA GLU C 63 -18.94 -29.30 9.10
C GLU C 63 -19.77 -28.26 8.36
N VAL C 64 -19.47 -26.99 8.58
CA VAL C 64 -20.16 -25.89 7.89
C VAL C 64 -19.57 -25.68 6.49
N TYR C 65 -18.26 -25.74 6.38
CA TYR C 65 -17.56 -25.56 5.10
C TYR C 65 -16.65 -26.75 4.73
N PRO C 66 -17.26 -27.92 4.47
CA PRO C 66 -16.45 -29.09 4.12
C PRO C 66 -15.64 -28.89 2.83
N GLU C 67 -16.15 -28.09 1.90
CA GLU C 67 -15.47 -27.78 0.64
C GLU C 67 -14.10 -27.10 0.78
N LEU C 68 -13.86 -26.46 1.93
CA LEU C 68 -12.60 -25.77 2.16
C LEU C 68 -11.48 -26.69 2.64
N GLU C 69 -11.77 -27.97 2.87
CA GLU C 69 -10.72 -28.90 3.31
C GLU C 69 -9.70 -29.09 2.18
N GLY C 70 -8.42 -29.00 2.52
CA GLY C 70 -7.34 -29.06 1.51
C GLY C 70 -6.81 -27.69 1.10
N GLN C 71 -7.42 -26.64 1.64
CA GLN C 71 -7.03 -25.26 1.34
C GLN C 71 -6.01 -24.71 2.36
N GLN C 72 -5.64 -25.53 3.34
CA GLN C 72 -4.68 -25.16 4.39
C GLN C 72 -5.20 -24.12 5.40
N ILE C 73 -6.48 -23.81 5.36
CA ILE C 73 -7.06 -22.88 6.32
C ILE C 73 -7.15 -23.56 7.68
N TYR C 74 -7.74 -24.74 7.69
CA TYR C 74 -7.96 -25.48 8.93
C TYR C 74 -6.63 -25.87 9.57
N GLU C 75 -5.67 -26.24 8.71
CA GLU C 75 -4.30 -26.44 9.15
C GLU C 75 -3.75 -25.22 9.92
N MET C 76 -4.03 -24.04 9.38
CA MET C 76 -3.58 -22.79 9.99
C MET C 76 -4.31 -22.56 11.32
N LEU C 77 -5.62 -22.78 11.34
CA LEU C 77 -6.39 -22.64 12.58
C LEU C 77 -5.88 -23.61 13.66
N ASP C 78 -5.71 -24.87 13.28
CA ASP C 78 -5.14 -25.89 14.18
C ASP C 78 -3.81 -25.48 14.79
N ARG C 79 -2.94 -24.88 13.99
CA ARG C 79 -1.63 -24.47 14.46
C ARG C 79 -1.74 -23.39 15.52
N VAL C 80 -2.64 -22.42 15.31
CA VAL C 80 -2.85 -21.36 16.27
C VAL C 80 -3.39 -21.95 17.57
N TYR C 81 -4.38 -22.83 17.45
CA TYR C 81 -4.99 -23.47 18.63
C TYR C 81 -4.00 -24.34 19.42
N GLN C 82 -3.18 -25.09 18.70
CA GLN C 82 -2.26 -26.03 19.35
C GLN C 82 -1.03 -25.34 19.91
N THR C 83 -0.47 -24.41 19.16
CA THR C 83 0.82 -23.78 19.53
C THR C 83 0.69 -22.45 20.23
N GLY C 84 -0.45 -21.78 20.09
CA GLY C 84 -0.63 -20.45 20.63
C GLY C 84 0.05 -19.36 19.83
N GLU C 85 0.66 -19.71 18.71
CA GLU C 85 1.36 -18.75 17.87
CA GLU C 85 1.35 -18.73 17.87
C GLU C 85 0.32 -18.06 16.98
N PRO C 86 0.20 -16.72 17.09
CA PRO C 86 -0.74 -16.04 16.18
C PRO C 86 -0.24 -16.11 14.76
N GLN C 87 -1.16 -15.91 13.82
CA GLN C 87 -0.81 -15.86 12.42
CA GLN C 87 -0.84 -15.90 12.40
C GLN C 87 -1.55 -14.71 11.75
N SER C 88 -0.90 -14.14 10.76
CA SER C 88 -1.53 -13.12 9.96
C SER C 88 -1.16 -13.41 8.53
N GLY C 89 -1.95 -12.93 7.61
CA GLY C 89 -1.65 -13.10 6.19
C GLY C 89 -2.19 -11.98 5.34
N SER C 90 -1.58 -11.83 4.17
CA SER C 90 -1.91 -10.81 3.20
CA SER C 90 -1.96 -10.80 3.21
C SER C 90 -2.39 -11.47 1.91
N GLU C 91 -3.58 -11.14 1.43
CA GLU C 91 -4.05 -11.59 0.11
C GLU C 91 -4.02 -13.11 -0.09
N TRP C 92 -4.44 -13.86 0.94
CA TRP C 92 -4.63 -15.30 0.82
CA TRP C 92 -4.60 -15.31 0.77
C TRP C 92 -5.73 -15.56 -0.21
N ARG C 93 -5.46 -16.38 -1.21
CA ARG C 93 -6.41 -16.61 -2.30
C ARG C 93 -7.27 -17.85 -2.05
N LEU C 94 -8.59 -17.69 -2.19
CA LEU C 94 -9.54 -18.78 -2.00
C LEU C 94 -10.56 -18.78 -3.13
N GLN C 95 -10.62 -19.85 -3.90
CA GLN C 95 -11.61 -20.01 -4.98
C GLN C 95 -12.71 -20.96 -4.50
N THR C 96 -13.91 -20.41 -4.30
CA THR C 96 -15.05 -21.19 -3.80
C THR C 96 -16.36 -20.51 -4.18
N ASP C 97 -17.48 -21.15 -3.84
CA ASP C 97 -18.78 -20.51 -3.90
C ASP C 97 -19.08 -19.94 -2.51
N TYR C 98 -19.01 -18.62 -2.40
CA TYR C 98 -19.30 -17.93 -1.14
C TYR C 98 -20.78 -17.62 -1.02
N ASP C 99 -21.38 -17.39 -2.17
CA ASP C 99 -22.57 -16.59 -2.33
C ASP C 99 -23.81 -17.46 -2.57
N GLY C 100 -23.62 -18.50 -3.37
CA GLY C 100 -24.72 -19.26 -3.99
C GLY C 100 -24.91 -18.80 -5.42
N SER C 101 -23.96 -17.98 -5.90
CA SER C 101 -24.02 -17.39 -7.24
C SER C 101 -22.99 -18.02 -8.18
N GLY C 102 -22.19 -18.96 -7.67
CA GLY C 102 -21.17 -19.62 -8.49
C GLY C 102 -19.77 -19.39 -7.92
N VAL C 103 -18.84 -20.26 -8.30
CA VAL C 103 -17.49 -20.23 -7.74
C VAL C 103 -16.77 -18.98 -8.20
N GLU C 104 -16.13 -18.31 -7.25
CA GLU C 104 -15.30 -17.16 -7.57
C GLU C 104 -14.02 -17.18 -6.75
N GLU C 105 -13.04 -16.48 -7.29
CA GLU C 105 -11.75 -16.29 -6.65
C GLU C 105 -11.79 -15.02 -5.81
N ARG C 106 -11.47 -15.14 -4.52
CA ARG C 106 -11.37 -14.01 -3.62
C ARG C 106 -10.05 -14.00 -2.83
N TYR C 107 -9.71 -12.85 -2.28
CA TYR C 107 -8.44 -12.67 -1.55
C TYR C 107 -8.71 -12.03 -0.22
N PHE C 108 -7.99 -12.48 0.80
CA PHE C 108 -8.25 -12.06 2.16
C PHE C 108 -7.00 -11.72 2.91
N ASP C 109 -7.03 -10.62 3.65
CA ASP C 109 -6.08 -10.36 4.70
C ASP C 109 -6.72 -10.91 5.96
N PHE C 110 -5.90 -11.28 6.95
CA PHE C 110 -6.43 -11.75 8.23
C PHE C 110 -5.41 -11.69 9.36
N VAL C 111 -5.93 -11.70 10.57
CA VAL C 111 -5.12 -11.84 11.79
C VAL C 111 -5.90 -12.83 12.63
N VAL C 112 -5.20 -13.83 13.13
CA VAL C 112 -5.83 -14.83 13.99
CA VAL C 112 -5.81 -14.86 13.98
C VAL C 112 -4.99 -14.99 15.25
N THR C 113 -5.66 -15.00 16.39
CA THR C 113 -4.99 -15.14 17.67
C THR C 113 -5.68 -16.23 18.51
N PRO C 114 -4.90 -16.87 19.39
CA PRO C 114 -5.50 -17.81 20.34
C PRO C 114 -6.22 -17.06 21.45
N ARG C 115 -7.08 -17.75 22.17
CA ARG C 115 -7.79 -17.21 23.30
C ARG C 115 -7.44 -18.06 24.51
N ARG C 116 -6.81 -17.46 25.52
CA ARG C 116 -6.37 -18.23 26.69
C ARG C 116 -7.28 -18.13 27.89
N ARG C 117 -7.39 -19.23 28.62
CA ARG C 117 -8.02 -19.26 29.93
C ARG C 117 -7.07 -18.67 30.97
N ALA C 118 -7.60 -18.44 32.15
CA ALA C 118 -6.81 -17.94 33.29
C ALA C 118 -5.61 -18.81 33.61
N ASP C 119 -5.74 -20.10 33.37
CA ASP C 119 -4.64 -21.02 33.61
C ASP C 119 -3.61 -21.08 32.47
N GLY C 120 -3.83 -20.30 31.42
CA GLY C 120 -2.89 -20.19 30.31
C GLY C 120 -3.16 -21.15 29.17
N SER C 121 -4.08 -22.09 29.37
CA SER C 121 -4.46 -23.03 28.30
C SER C 121 -5.30 -22.33 27.23
N ILE C 122 -5.32 -22.91 26.04
CA ILE C 122 -6.02 -22.26 24.92
C ILE C 122 -7.41 -22.87 24.77
N GLU C 123 -8.45 -22.02 24.73
CA GLU C 123 -9.83 -22.49 24.63
C GLU C 123 -10.41 -22.34 23.22
N GLY C 124 -9.77 -21.52 22.40
CA GLY C 124 -10.25 -21.29 21.05
C GLY C 124 -9.38 -20.25 20.36
N VAL C 125 -9.86 -19.73 19.23
CA VAL C 125 -9.19 -18.68 18.49
C VAL C 125 -10.22 -17.67 17.99
N GLN C 126 -9.77 -16.49 17.59
CA GLN C 126 -10.63 -15.53 16.91
C GLN C 126 -9.86 -14.77 15.88
N LEU C 127 -10.60 -14.18 14.96
CA LEU C 127 -9.97 -13.49 13.86
CA LEU C 127 -10.05 -13.60 13.74
C LEU C 127 -10.76 -12.32 13.33
N ILE C 128 -10.00 -11.42 12.70
CA ILE C 128 -10.54 -10.34 11.92
C ILE C 128 -10.05 -10.63 10.50
N VAL C 129 -10.96 -10.52 9.53
CA VAL C 129 -10.70 -10.83 8.12
C VAL C 129 -11.11 -9.62 7.28
N ASP C 130 -10.36 -9.34 6.24
CA ASP C 130 -10.68 -8.29 5.27
CA ASP C 130 -10.67 -8.29 5.29
C ASP C 130 -10.74 -8.90 3.89
N ASP C 131 -11.87 -8.72 3.21
CA ASP C 131 -12.00 -9.18 1.84
C ASP C 131 -11.30 -8.11 0.99
N VAL C 132 -10.14 -8.46 0.44
CA VAL C 132 -9.31 -7.50 -0.32
C VAL C 132 -9.32 -7.81 -1.81
N THR C 133 -10.30 -8.58 -2.25
CA THR C 133 -10.43 -8.92 -3.65
C THR C 133 -10.40 -7.69 -4.53
N SER C 134 -11.15 -6.66 -4.14
CA SER C 134 -11.21 -5.44 -4.93
CA SER C 134 -11.20 -5.38 -4.86
C SER C 134 -9.88 -4.68 -4.95
N ARG C 135 -9.13 -4.69 -3.85
CA ARG C 135 -7.83 -4.06 -3.80
CA ARG C 135 -7.81 -4.07 -3.80
C ARG C 135 -6.93 -4.72 -4.84
N VAL C 136 -6.93 -6.04 -4.83
CA VAL C 136 -6.08 -6.78 -5.73
C VAL C 136 -6.43 -6.48 -7.18
N ARG C 137 -7.71 -6.52 -7.49
CA ARG C 137 -8.15 -6.27 -8.86
CA ARG C 137 -8.16 -6.26 -8.86
C ARG C 137 -7.83 -4.86 -9.32
N ALA C 138 -7.96 -3.89 -8.41
CA ALA C 138 -7.68 -2.53 -8.75
C ALA C 138 -6.20 -2.32 -8.96
N ARG C 139 -5.37 -2.99 -8.16
CA ARG C 139 -3.95 -2.90 -8.38
C ARG C 139 -3.57 -3.48 -9.74
N GLN C 140 -4.12 -4.64 -10.03
CA GLN C 140 -3.87 -5.30 -11.29
C GLN C 140 -4.28 -4.42 -12.46
N ALA C 141 -5.45 -3.80 -12.37
CA ALA C 141 -5.94 -2.94 -13.46
C ALA C 141 -5.05 -1.71 -13.65
N ALA C 142 -4.57 -1.14 -12.54
CA ALA C 142 -3.72 0.03 -12.59
C ALA C 142 -2.35 -0.30 -13.17
N GLU C 143 -1.83 -1.47 -12.83
CA GLU C 143 -0.57 -1.93 -13.38
C GLU C 143 -0.75 -2.17 -14.89
N ALA C 144 -1.86 -2.77 -15.27
CA ALA C 144 -2.11 -3.04 -16.68
C ALA C 144 -2.10 -1.72 -17.48
N ARG C 145 -2.67 -0.66 -16.90
CA ARG C 145 -2.75 0.62 -17.61
CA ARG C 145 -2.76 0.64 -17.58
C ARG C 145 -1.39 1.25 -17.79
N VAL C 146 -0.57 1.27 -16.72
CA VAL C 146 0.76 1.85 -16.86
C VAL C 146 1.59 1.03 -17.86
N GLU C 147 1.44 -0.28 -17.81
CA GLU C 147 2.14 -1.13 -18.77
C GLU C 147 1.75 -0.75 -20.20
N GLU C 148 0.45 -0.71 -20.48
CA GLU C 148 -0.05 -0.32 -21.80
C GLU C 148 0.53 0.99 -22.28
N LEU C 149 0.42 2.02 -21.45
CA LEU C 149 0.87 3.36 -21.82
C LEU C 149 2.37 3.43 -22.02
N SER C 150 3.12 2.72 -21.20
CA SER C 150 4.58 2.76 -21.31
C SER C 150 5.09 2.02 -22.54
N GLU C 151 4.26 1.13 -23.07
CA GLU C 151 4.62 0.30 -24.22
CA GLU C 151 4.63 0.31 -24.22
C GLU C 151 4.24 0.91 -25.57
N ARG C 152 3.66 2.10 -25.59
CA ARG C 152 3.26 2.70 -26.83
C ARG C 152 4.49 3.23 -27.53
N TYR C 153 4.53 3.07 -28.83
CA TYR C 153 5.79 3.36 -29.54
C TYR C 153 5.47 3.62 -30.97
N ARG C 154 6.53 3.78 -31.77
CA ARG C 154 6.43 4.10 -33.20
C ARG C 154 7.03 2.98 -34.01
N ASN C 155 6.17 2.10 -34.54
CA ASN C 155 6.62 1.02 -35.35
C ASN C 155 7.01 1.58 -36.73
N VAL C 156 8.03 1.00 -37.35
CA VAL C 156 8.54 1.49 -38.64
C VAL C 156 7.59 1.09 -39.78
N MET D 7 -34.50 -12.02 13.62
CA MET D 7 -33.26 -12.79 13.92
C MET D 7 -33.27 -13.44 15.31
N ASP D 8 -32.83 -14.68 15.39
CA ASP D 8 -32.58 -15.30 16.68
C ASP D 8 -31.11 -15.00 17.07
N TRP D 9 -30.91 -14.00 17.93
CA TRP D 9 -29.56 -13.52 18.21
C TRP D 9 -28.62 -14.61 18.76
N ASP D 10 -29.12 -15.41 19.69
CA ASP D 10 -28.27 -16.45 20.29
C ASP D 10 -27.78 -17.46 19.27
N LYS D 11 -28.61 -17.75 18.27
CA LYS D 11 -28.31 -18.78 17.29
C LYS D 11 -27.58 -18.26 16.06
N THR D 12 -27.74 -16.96 15.76
CA THR D 12 -27.17 -16.39 14.54
CA THR D 12 -27.19 -16.38 14.54
C THR D 12 -25.92 -15.54 14.81
N VAL D 13 -25.91 -14.81 15.91
CA VAL D 13 -24.75 -14.02 16.33
C VAL D 13 -23.90 -14.80 17.35
N GLY D 14 -24.56 -15.44 18.30
CA GLY D 14 -23.90 -16.17 19.39
C GLY D 14 -24.44 -15.69 20.73
N ALA D 15 -24.25 -16.47 21.78
CA ALA D 15 -24.77 -16.07 23.11
C ALA D 15 -24.01 -14.84 23.58
N ALA D 16 -24.69 -13.96 24.31
CA ALA D 16 -24.07 -12.67 24.64
C ALA D 16 -22.75 -12.76 25.42
N GLU D 17 -22.69 -13.58 26.47
CA GLU D 17 -21.42 -13.78 27.19
C GLU D 17 -20.28 -14.21 26.28
N ASP D 18 -20.57 -15.18 25.44
CA ASP D 18 -19.59 -15.71 24.54
C ASP D 18 -19.12 -14.65 23.56
N VAL D 19 -20.07 -13.91 22.98
CA VAL D 19 -19.72 -12.88 22.03
C VAL D 19 -18.86 -11.80 22.68
N ARG D 20 -19.16 -11.46 23.94
CA ARG D 20 -18.34 -10.48 24.65
C ARG D 20 -16.90 -10.97 24.77
N ARG D 21 -16.72 -12.25 25.11
CA ARG D 21 -15.39 -12.80 25.29
C ARG D 21 -14.60 -12.76 23.98
N ILE D 22 -15.27 -13.07 22.88
CA ILE D 22 -14.60 -13.00 21.57
C ILE D 22 -14.22 -11.54 21.27
N PHE D 23 -15.20 -10.64 21.40
CA PHE D 23 -14.97 -9.20 21.20
C PHE D 23 -13.73 -8.70 21.95
N GLU D 24 -13.69 -9.02 23.25
CA GLU D 24 -12.61 -8.67 24.14
C GLU D 24 -11.24 -9.03 23.54
N HIS D 25 -11.17 -10.18 22.85
CA HIS D 25 -9.92 -10.71 22.30
C HIS D 25 -9.71 -10.54 20.81
N ILE D 26 -10.62 -9.87 20.12
CA ILE D 26 -10.39 -9.62 18.69
C ILE D 26 -9.08 -8.81 18.54
N PRO D 27 -8.16 -9.27 17.67
CA PRO D 27 -6.89 -8.56 17.47
C PRO D 27 -6.99 -7.29 16.58
N ALA D 28 -7.77 -6.34 17.06
CA ALA D 28 -7.99 -5.03 16.44
C ALA D 28 -8.64 -4.14 17.47
N ILE D 29 -8.38 -2.84 17.40
CA ILE D 29 -9.03 -1.86 18.27
C ILE D 29 -10.49 -1.71 17.91
N LEU D 30 -11.38 -2.07 18.85
CA LEU D 30 -12.82 -1.99 18.64
C LEU D 30 -13.47 -1.14 19.73
N VAL D 31 -14.40 -0.27 19.34
CA VAL D 31 -15.12 0.60 20.26
C VAL D 31 -16.57 0.75 19.87
N GLY D 32 -17.44 0.67 20.88
CA GLY D 32 -18.84 0.99 20.72
C GLY D 32 -19.25 2.15 21.61
N LEU D 33 -20.03 3.06 21.02
CA LEU D 33 -20.49 4.28 21.68
C LEU D 33 -22.01 4.37 21.58
N GLU D 34 -22.62 5.06 22.51
CA GLU D 34 -24.08 5.24 22.43
C GLU D 34 -24.54 6.65 22.77
N GLY D 35 -25.64 7.04 22.14
CA GLY D 35 -26.27 8.30 22.43
C GLY D 35 -25.56 9.48 21.81
N PRO D 36 -26.13 10.68 21.95
CA PRO D 36 -25.59 11.87 21.29
C PRO D 36 -24.27 12.35 21.88
N ASP D 37 -23.95 11.91 23.10
CA ASP D 37 -22.68 12.27 23.73
C ASP D 37 -21.67 11.13 23.71
N HIS D 38 -21.92 10.16 22.82
CA HIS D 38 -20.97 9.09 22.53
C HIS D 38 -20.43 8.42 23.79
N ARG D 39 -21.33 7.90 24.62
CA ARG D 39 -20.95 7.23 25.85
C ARG D 39 -20.36 5.87 25.51
N PHE D 40 -19.25 5.51 26.14
CA PHE D 40 -18.64 4.19 25.95
C PHE D 40 -19.56 3.04 26.35
N VAL D 41 -19.78 2.14 25.40
CA VAL D 41 -20.61 0.95 25.57
C VAL D 41 -19.75 -0.31 25.66
N ALA D 42 -18.68 -0.37 24.84
CA ALA D 42 -17.89 -1.58 24.68
C ALA D 42 -16.51 -1.19 24.22
N VAL D 43 -15.49 -1.71 24.90
CA VAL D 43 -14.09 -1.55 24.47
C VAL D 43 -13.36 -2.85 24.72
N ASN D 44 -12.46 -3.21 23.82
CA ASN D 44 -11.73 -4.46 23.98
C ASN D 44 -10.30 -4.28 24.48
N ALA D 45 -9.59 -5.38 24.68
CA ALA D 45 -8.22 -5.36 25.22
C ALA D 45 -7.27 -4.55 24.32
N ALA D 46 -7.46 -4.67 23.01
CA ALA D 46 -6.66 -3.89 22.04
C ALA D 46 -6.89 -2.40 22.25
N TYR D 47 -8.15 -1.97 22.36
CA TYR D 47 -8.44 -0.58 22.69
C TYR D 47 -7.76 -0.09 23.96
N ARG D 48 -7.95 -0.83 25.05
CA ARG D 48 -7.44 -0.41 26.36
C ARG D 48 -5.92 -0.50 26.45
N GLY D 49 -5.30 -1.42 25.72
CA GLY D 49 -3.84 -1.52 25.70
C GLY D 49 -3.22 -0.33 24.99
N PHE D 50 -3.91 0.16 23.96
CA PHE D 50 -3.48 1.33 23.21
CA PHE D 50 -3.44 1.33 23.23
C PHE D 50 -3.72 2.60 24.02
N SER D 51 -4.89 2.66 24.67
CA SER D 51 -5.28 3.81 25.48
C SER D 51 -5.59 3.33 26.90
N PRO D 52 -4.55 3.15 27.72
CA PRO D 52 -4.75 2.76 29.12
C PRO D 52 -5.43 3.84 29.96
N LEU D 53 -5.48 5.07 29.44
CA LEU D 53 -6.08 6.20 30.16
C LEU D 53 -7.53 5.91 30.59
N LEU D 54 -8.31 5.29 29.71
CA LEU D 54 -9.69 4.89 30.06
C LEU D 54 -9.66 3.91 31.23
N ASP D 55 -10.52 4.14 32.23
CA ASP D 55 -10.64 3.20 33.35
C ASP D 55 -12.03 2.54 33.41
N THR D 56 -12.97 3.00 32.58
CA THR D 56 -14.27 2.34 32.52
C THR D 56 -15.21 2.77 31.39
N VAL D 57 -16.32 2.04 31.35
CA VAL D 57 -17.40 2.12 30.39
C VAL D 57 -18.52 3.02 30.92
N GLY D 58 -19.24 3.69 30.02
CA GLY D 58 -20.46 4.42 30.39
C GLY D 58 -20.34 5.93 30.38
N GLN D 59 -19.11 6.44 30.28
CA GLN D 59 -18.88 7.88 30.28
C GLN D 59 -18.94 8.45 28.87
N PRO D 60 -19.40 9.71 28.73
CA PRO D 60 -19.30 10.41 27.46
C PRO D 60 -17.84 10.51 27.04
N ALA D 61 -17.57 10.31 25.76
CA ALA D 61 -16.21 10.30 25.26
C ALA D 61 -15.44 11.56 25.66
N ARG D 62 -16.07 12.72 25.45
CA ARG D 62 -15.47 14.02 25.81
C ARG D 62 -15.07 14.10 27.28
N GLU D 63 -15.86 13.50 28.17
CA GLU D 63 -15.54 13.52 29.59
C GLU D 63 -14.32 12.65 29.92
N VAL D 64 -14.10 11.62 29.12
CA VAL D 64 -12.94 10.75 29.28
C VAL D 64 -11.70 11.37 28.62
N TYR D 65 -11.87 11.96 27.43
CA TYR D 65 -10.77 12.61 26.70
C TYR D 65 -11.06 14.08 26.38
N PRO D 66 -11.14 14.94 27.40
CA PRO D 66 -11.40 16.35 27.14
C PRO D 66 -10.32 17.02 26.29
N GLU D 67 -9.08 16.55 26.42
CA GLU D 67 -7.94 17.07 25.63
C GLU D 67 -8.08 16.96 24.12
N LEU D 68 -8.94 16.05 23.65
CA LEU D 68 -9.13 15.84 22.22
C LEU D 68 -10.12 16.83 21.59
N GLU D 69 -10.75 17.68 22.40
CA GLU D 69 -11.70 18.66 21.86
C GLU D 69 -10.94 19.68 20.99
N GLY D 70 -11.45 19.93 19.78
CA GLY D 70 -10.78 20.78 18.80
C GLY D 70 -10.00 20.03 17.74
N GLN D 71 -9.96 18.70 17.86
CA GLN D 71 -9.25 17.83 16.93
C GLN D 71 -10.17 17.32 15.80
N GLN D 72 -11.44 17.71 15.84
CA GLN D 72 -12.44 17.32 14.82
C GLN D 72 -12.87 15.86 14.87
N ILE D 73 -12.47 15.14 15.91
CA ILE D 73 -12.88 13.75 16.07
C ILE D 73 -14.35 13.72 16.46
N TYR D 74 -14.70 14.48 17.48
CA TYR D 74 -16.06 14.50 18.01
C TYR D 74 -17.03 15.05 16.99
N GLU D 75 -16.59 16.07 16.27
CA GLU D 75 -17.33 16.56 15.10
C GLU D 75 -17.66 15.43 14.11
N MET D 76 -16.68 14.56 13.87
CA MET D 76 -16.85 13.46 12.95
C MET D 76 -17.82 12.42 13.53
N LEU D 77 -17.70 12.12 14.82
CA LEU D 77 -18.63 11.18 15.47
C LEU D 77 -20.05 11.74 15.44
N ASP D 78 -20.20 13.01 15.79
CA ASP D 78 -21.51 13.69 15.73
C ASP D 78 -22.16 13.58 14.37
N ARG D 79 -21.38 13.73 13.31
CA ARG D 79 -21.91 13.68 11.97
C ARG D 79 -22.45 12.31 11.63
N VAL D 80 -21.73 11.27 12.06
CA VAL D 80 -22.17 9.90 11.82
C VAL D 80 -23.48 9.66 12.58
N TYR D 81 -23.50 10.09 13.84
CA TYR D 81 -24.69 9.88 14.69
C TYR D 81 -25.92 10.64 14.18
N GLN D 82 -25.70 11.86 13.72
CA GLN D 82 -26.79 12.70 13.27
C GLN D 82 -27.29 12.36 11.89
N THR D 83 -26.37 12.11 10.96
CA THR D 83 -26.73 11.91 9.56
C THR D 83 -26.86 10.46 9.14
N GLY D 84 -26.23 9.56 9.89
CA GLY D 84 -26.20 8.16 9.52
C GLY D 84 -25.21 7.84 8.42
N GLU D 85 -24.45 8.84 7.97
CA GLU D 85 -23.45 8.61 6.93
CA GLU D 85 -23.45 8.63 6.93
C GLU D 85 -22.20 8.04 7.56
N PRO D 86 -21.79 6.81 7.13
CA PRO D 86 -20.53 6.29 7.69
C PRO D 86 -19.35 7.13 7.24
N GLN D 87 -18.25 7.02 7.97
CA GLN D 87 -17.03 7.72 7.61
CA GLN D 87 -17.02 7.74 7.63
C GLN D 87 -15.84 6.79 7.78
N SER D 88 -14.86 6.95 6.91
CA SER D 88 -13.63 6.20 7.02
C SER D 88 -12.52 7.17 6.79
N GLY D 89 -11.34 6.84 7.30
CA GLY D 89 -10.17 7.70 7.11
C GLY D 89 -8.87 6.91 7.09
N SER D 90 -7.88 7.52 6.46
CA SER D 90 -6.57 6.93 6.32
CA SER D 90 -6.57 6.92 6.36
C SER D 90 -5.55 7.86 6.99
N GLU D 91 -4.77 7.34 7.95
CA GLU D 91 -3.64 8.09 8.53
C GLU D 91 -4.02 9.46 9.12
N TRP D 92 -5.14 9.49 9.84
CA TRP D 92 -5.54 10.67 10.61
CA TRP D 92 -5.52 10.70 10.56
C TRP D 92 -4.50 10.90 11.69
N ARG D 93 -3.92 12.10 11.74
CA ARG D 93 -2.83 12.41 12.68
C ARG D 93 -3.38 12.99 13.98
N LEU D 94 -2.94 12.44 15.10
CA LEU D 94 -3.35 12.90 16.44
C LEU D 94 -2.12 12.99 17.35
N GLN D 95 -1.82 14.19 17.83
CA GLN D 95 -0.72 14.40 18.77
C GLN D 95 -1.28 14.57 20.19
N THR D 96 -1.03 13.58 21.06
CA THR D 96 -1.57 13.58 22.41
C THR D 96 -0.69 12.72 23.31
N ASP D 97 -1.02 12.71 24.60
CA ASP D 97 -0.48 11.73 25.53
C ASP D 97 -1.47 10.57 25.60
N TYR D 98 -1.10 9.45 24.98
CA TYR D 98 -1.93 8.24 24.98
C TYR D 98 -1.65 7.38 26.20
N ASP D 99 -0.40 7.44 26.63
CA ASP D 99 0.26 6.38 27.37
C ASP D 99 0.39 6.75 28.84
N GLY D 100 0.71 8.02 29.10
CA GLY D 100 1.19 8.49 30.39
C GLY D 100 2.71 8.63 30.34
N SER D 101 3.27 8.51 29.12
CA SER D 101 4.71 8.58 28.90
C SER D 101 5.12 9.87 28.19
N GLY D 102 4.16 10.73 27.88
CA GLY D 102 4.48 12.00 27.22
C GLY D 102 3.76 12.10 25.88
N VAL D 103 3.61 13.32 25.39
CA VAL D 103 2.85 13.57 24.16
C VAL D 103 3.60 12.98 22.97
N GLU D 104 2.87 12.28 22.12
CA GLU D 104 3.42 11.75 20.90
C GLU D 104 2.42 11.89 19.76
N GLU D 105 2.99 11.91 18.57
CA GLU D 105 2.23 11.97 17.33
C GLU D 105 1.95 10.54 16.86
N ARG D 106 0.67 10.22 16.64
CA ARG D 106 0.26 8.93 16.09
C ARG D 106 -0.71 9.10 14.92
N TYR D 107 -0.84 8.03 14.12
CA TYR D 107 -1.66 8.04 12.91
C TYR D 107 -2.59 6.86 12.93
N PHE D 108 -3.83 7.09 12.49
CA PHE D 108 -4.88 6.07 12.57
C PHE D 108 -5.66 5.94 11.30
N ASP D 109 -5.92 4.69 10.90
CA ASP D 109 -6.96 4.41 9.94
C ASP D 109 -8.19 4.10 10.77
N PHE D 110 -9.37 4.30 10.20
CA PHE D 110 -10.61 3.96 10.90
C PHE D 110 -11.80 3.82 9.98
N VAL D 111 -12.82 3.14 10.49
CA VAL D 111 -14.14 3.07 9.84
C VAL D 111 -15.13 3.21 10.95
N VAL D 112 -16.10 4.12 10.77
CA VAL D 112 -17.13 4.37 11.76
C VAL D 112 -18.48 4.27 11.09
N THR D 113 -19.39 3.53 11.73
CA THR D 113 -20.73 3.39 11.20
C THR D 113 -21.77 3.68 12.29
N PRO D 114 -22.96 4.15 11.88
CA PRO D 114 -24.05 4.30 12.83
C PRO D 114 -24.63 2.93 13.19
N ARG D 115 -25.38 2.90 14.27
CA ARG D 115 -26.07 1.71 14.71
C ARG D 115 -27.55 2.06 14.77
N ARG D 116 -28.37 1.35 13.99
CA ARG D 116 -29.81 1.66 13.94
C ARG D 116 -30.68 0.72 14.74
N ARG D 117 -31.75 1.28 15.33
CA ARG D 117 -32.81 0.52 15.94
C ARG D 117 -33.72 -0.04 14.86
N ALA D 118 -34.62 -0.93 15.26
CA ALA D 118 -35.62 -1.52 14.37
C ALA D 118 -36.47 -0.47 13.64
N ASP D 119 -36.68 0.66 14.27
CA ASP D 119 -37.46 1.73 13.67
C ASP D 119 -36.63 2.63 12.74
N GLY D 120 -35.34 2.33 12.61
CA GLY D 120 -34.45 3.04 11.68
C GLY D 120 -33.74 4.22 12.30
N SER D 121 -34.10 4.59 13.53
CA SER D 121 -33.40 5.68 14.22
C SER D 121 -32.01 5.22 14.66
N ILE D 122 -31.13 6.18 14.89
CA ILE D 122 -29.75 5.87 15.26
C ILE D 122 -29.58 5.93 16.78
N GLU D 123 -29.04 4.85 17.36
CA GLU D 123 -28.83 4.78 18.80
C GLU D 123 -27.39 5.02 19.22
N GLY D 124 -26.46 4.93 18.27
CA GLY D 124 -25.06 5.14 18.58
C GLY D 124 -24.22 4.85 17.36
N VAL D 125 -22.91 4.71 17.57
CA VAL D 125 -21.98 4.42 16.51
C VAL D 125 -20.96 3.40 17.02
N GLN D 126 -20.25 2.75 16.11
CA GLN D 126 -19.14 1.91 16.50
C GLN D 126 -18.04 2.01 15.45
N LEU D 127 -16.83 1.65 15.85
CA LEU D 127 -15.71 1.73 14.95
CA LEU D 127 -15.63 1.84 15.08
C LEU D 127 -14.64 0.69 15.17
N ILE D 128 -13.89 0.50 14.10
CA ILE D 128 -12.67 -0.29 14.12
C ILE D 128 -11.59 0.73 13.79
N VAL D 129 -10.49 0.70 14.54
CA VAL D 129 -9.36 1.63 14.42
C VAL D 129 -8.07 0.85 14.26
N ASP D 130 -7.17 1.35 13.43
CA ASP D 130 -5.87 0.75 13.24
CA ASP D 130 -5.84 0.76 13.26
C ASP D 130 -4.80 1.81 13.57
N ASP D 131 -3.91 1.52 14.51
CA ASP D 131 -2.80 2.43 14.78
C ASP D 131 -1.78 2.16 13.67
N VAL D 132 -1.62 3.12 12.75
CA VAL D 132 -0.74 2.93 11.58
C VAL D 132 0.50 3.81 11.67
N THR D 133 0.82 4.26 12.87
CA THR D 133 1.99 5.10 13.09
C THR D 133 3.25 4.45 12.54
N SER D 134 3.41 3.16 12.81
CA SER D 134 4.59 2.45 12.36
CA SER D 134 4.55 2.37 12.33
C SER D 134 4.65 2.30 10.83
N ARG D 135 3.50 2.15 10.18
CA ARG D 135 3.42 2.09 8.73
CA ARG D 135 3.42 2.09 8.73
C ARG D 135 3.94 3.39 8.15
N VAL D 136 3.45 4.48 8.70
CA VAL D 136 3.84 5.78 8.21
C VAL D 136 5.33 6.00 8.39
N ARG D 137 5.85 5.70 9.59
CA ARG D 137 7.26 5.91 9.84
CA ARG D 137 7.27 5.89 9.85
C ARG D 137 8.12 5.04 8.95
N ALA D 138 7.68 3.82 8.69
CA ALA D 138 8.44 2.91 7.85
C ALA D 138 8.43 3.37 6.41
N ARG D 139 7.30 3.90 5.97
CA ARG D 139 7.25 4.47 4.65
C ARG D 139 8.20 5.65 4.53
N GLN D 140 8.15 6.53 5.48
CA GLN D 140 9.03 7.69 5.49
C GLN D 140 10.50 7.30 5.47
N ALA D 141 10.87 6.32 6.28
CA ALA D 141 12.26 5.89 6.35
C ALA D 141 12.70 5.27 5.01
N ALA D 142 11.81 4.50 4.39
CA ALA D 142 12.15 3.86 3.11
C ALA D 142 12.31 4.91 2.01
N GLU D 143 11.45 5.91 2.02
CA GLU D 143 11.55 6.99 1.05
C GLU D 143 12.86 7.75 1.27
N ALA D 144 13.20 7.98 2.52
CA ALA D 144 14.41 8.73 2.80
C ALA D 144 15.62 7.97 2.24
N ARG D 145 15.61 6.64 2.34
N ARG D 145 15.58 6.65 2.36
CA ARG D 145 16.75 5.85 1.86
CA ARG D 145 16.68 5.81 1.89
C ARG D 145 16.88 5.86 0.35
C ARG D 145 16.84 5.92 0.38
N VAL D 146 15.76 5.72 -0.37
CA VAL D 146 15.82 5.80 -1.82
C VAL D 146 16.27 7.18 -2.25
N GLU D 147 15.78 8.22 -1.56
CA GLU D 147 16.20 9.57 -1.86
C GLU D 147 17.71 9.72 -1.71
N GLU D 148 18.22 9.30 -0.56
CA GLU D 148 19.66 9.36 -0.28
C GLU D 148 20.49 8.68 -1.35
N LEU D 149 20.14 7.45 -1.68
CA LEU D 149 20.90 6.69 -2.64
C LEU D 149 20.82 7.27 -4.03
N SER D 150 19.65 7.75 -4.42
CA SER D 150 19.48 8.30 -5.77
C SER D 150 20.24 9.63 -5.94
N GLU D 151 20.54 10.29 -4.83
CA GLU D 151 21.19 11.60 -4.83
CA GLU D 151 21.20 11.59 -4.84
C GLU D 151 22.73 11.53 -4.85
N ARG D 152 23.30 10.34 -4.71
CA ARG D 152 24.73 10.20 -4.64
C ARG D 152 25.33 10.52 -6.00
N TYR D 153 26.44 11.20 -6.00
CA TYR D 153 26.98 11.70 -7.28
C TYR D 153 28.42 11.96 -7.11
N ARG D 154 29.01 12.54 -8.16
CA ARG D 154 30.45 12.84 -8.23
C ARG D 154 30.68 14.33 -8.34
N ASN D 155 30.96 14.97 -7.20
CA ASN D 155 31.22 16.38 -7.19
C ASN D 155 32.61 16.63 -7.81
N VAL D 156 32.76 17.76 -8.50
CA VAL D 156 34.01 18.08 -9.21
C VAL D 156 35.08 18.55 -8.23
C1 PLM E . -1.08 11.56 -14.04
O1 PLM E . -1.12 10.39 -13.59
O2 PLM E . -2.05 12.36 -14.06
C2 PLM E . 0.29 12.02 -14.57
C3 PLM E . 0.73 13.50 -14.28
C4 PLM E . 0.13 14.14 -13.09
C5 PLM E . 0.36 15.64 -13.26
C6 PLM E . 1.27 16.15 -12.19
C7 PLM E . 0.76 15.73 -10.82
C8 PLM E . 1.83 14.97 -10.03
C9 PLM E . 1.82 15.37 -8.55
CA PLM E . 3.17 15.16 -7.91
CB PLM E . 3.91 16.50 -7.74
CC PLM E . 4.85 16.75 -8.92
CD PLM E . 4.74 18.13 -9.51
CE PLM E . 5.20 18.20 -10.96
CF PLM E . 4.30 19.11 -11.83
CG PLM E . 3.51 18.30 -12.87
S SO4 F . -10.34 6.21 3.01
O1 SO4 F . -11.77 6.45 3.23
O2 SO4 F . -9.86 7.04 1.89
O3 SO4 F . -9.62 6.53 4.24
O4 SO4 F . -10.13 4.79 2.72
C1 GOL G . 15.98 6.65 -30.86
O1 GOL G . 15.38 5.38 -30.74
C2 GOL G . 17.11 6.79 -29.84
O2 GOL G . 18.07 7.68 -30.37
C3 GOL G . 16.58 7.31 -28.51
O3 GOL G . 17.60 7.32 -27.53
C1 GOL H . 9.39 30.15 -23.01
O1 GOL H . 10.40 31.07 -22.64
C2 GOL H . 8.54 29.73 -21.81
O2 GOL H . 7.92 28.49 -22.10
C3 GOL H . 7.48 30.77 -21.43
O3 GOL H . 7.51 31.04 -20.04
C1 GOL I . 6.27 6.21 -3.56
O1 GOL I . 7.33 5.68 -2.76
C2 GOL I . 6.72 6.42 -5.02
O2 GOL I . 5.69 6.95 -5.77
C3 GOL I . 7.09 5.14 -5.73
O3 GOL I . 6.03 4.76 -6.59
C1 GOL J . 5.35 22.67 0.20
O1 GOL J . 4.06 23.01 0.67
C2 GOL J . 6.39 23.25 1.13
O2 GOL J . 6.73 24.53 0.67
C3 GOL J . 7.68 22.46 1.22
O3 GOL J . 7.54 21.07 1.39
C1 GOL K . -2.59 1.85 -1.84
O1 GOL K . -3.64 0.93 -2.07
C2 GOL K . -2.65 3.05 -2.81
O2 GOL K . -3.97 3.35 -3.12
C3 GOL K . -1.97 4.28 -2.20
O3 GOL K . -0.55 4.21 -2.26
C1 PLM L . 17.23 -4.09 -4.12
O1 PLM L . 17.69 -5.11 -3.61
O2 PLM L . 16.41 -3.29 -3.59
C2 PLM L . 17.61 -3.81 -5.58
C3 PLM L . 17.93 -5.08 -6.43
C4 PLM L . 16.86 -6.15 -6.40
C5 PLM L . 17.09 -7.20 -7.50
C6 PLM L . 15.94 -8.23 -7.48
C7 PLM L . 14.60 -7.57 -7.87
C8 PLM L . 13.49 -8.62 -8.00
C9 PLM L . 12.25 -8.03 -8.67
CA PLM L . 12.53 -7.78 -10.13
CB PLM L . 12.32 -9.11 -10.85
CC PLM L . 13.34 -9.50 -11.93
CD PLM L . 14.51 -8.56 -12.18
CE PLM L . 15.80 -9.40 -12.21
CF PLM L . 17.07 -8.55 -12.34
CG PLM L . 17.73 -8.30 -10.96
S SO4 M . 1.56 -10.16 6.89
O1 SO4 M . 0.47 -10.83 6.18
O2 SO4 M . 2.77 -10.15 6.08
O3 SO4 M . 1.14 -8.79 7.22
O4 SO4 M . 1.81 -10.86 8.14
C1 GOL N . 30.13 -12.01 -21.72
O1 GOL N . 30.52 -10.64 -21.78
C2 GOL N . 29.17 -12.24 -20.54
O2 GOL N . 29.18 -11.15 -19.63
C3 GOL N . 29.46 -13.56 -19.84
O3 GOL N . 28.37 -14.44 -20.01
C1 GOL O . 5.87 0.73 -8.00
O1 GOL O . 7.03 1.32 -7.48
C2 GOL O . 5.97 -0.79 -7.99
O2 GOL O . 7.25 -1.16 -8.37
C3 GOL O . 4.98 -1.45 -8.93
O3 GOL O . 3.70 -0.85 -8.84
C1 GOL P . 3.65 -1.41 1.52
O1 GOL P . 3.06 -1.45 2.80
C2 GOL P . 4.02 -2.83 1.12
O2 GOL P . 5.06 -3.21 1.96
C3 GOL P . 4.45 -3.00 -0.35
O3 GOL P . 3.37 -2.99 -1.27
C1 GOL Q . 5.17 13.66 -34.30
O1 GOL Q . 5.25 12.93 -35.52
C2 GOL Q . 6.27 13.18 -33.36
O2 GOL Q . 5.73 12.55 -32.22
C3 GOL Q . 7.13 14.35 -32.90
O3 GOL Q . 8.14 13.88 -32.05
C1 GOL R . 5.84 -16.38 -16.35
O1 GOL R . 5.17 -15.38 -15.61
C2 GOL R . 6.80 -17.26 -15.57
O2 GOL R . 6.51 -18.62 -15.84
C3 GOL R . 6.71 -16.96 -14.09
O3 GOL R . 7.67 -17.67 -13.36
S SO4 S . -0.10 -8.45 -8.95
O1 SO4 S . -0.23 -9.13 -7.68
O2 SO4 S . -0.44 -7.05 -8.78
O3 SO4 S . 1.26 -8.52 -9.46
O4 SO4 S . -0.99 -9.11 -9.92
S SO4 T . -6.58 -28.42 5.36
O1 SO4 T . -8.00 -28.71 5.18
O2 SO4 T . -5.92 -28.30 4.06
O3 SO4 T . -6.42 -27.18 6.11
O4 SO4 T . -5.94 -29.50 6.11
S SO4 U . 4.99 10.72 3.36
O1 SO4 U . 3.61 10.68 3.76
O2 SO4 U . 5.16 11.50 2.13
O3 SO4 U . 5.74 11.40 4.42
O4 SO4 U . 5.46 9.36 3.10
S SO4 V . -14.22 18.83 17.85
O1 SO4 V . -15.47 19.58 17.68
O2 SO4 V . -13.13 19.52 17.16
O3 SO4 V . -13.91 18.73 19.27
O4 SO4 V . -14.41 17.50 17.28
C1 GOL W . -8.66 -4.47 9.02
O1 GOL W . -7.89 -5.64 9.23
C2 GOL W . -8.22 -3.39 10.00
O2 GOL W . -9.00 -2.22 9.81
C3 GOL W . -8.39 -3.90 11.43
O3 GOL W . -7.15 -4.32 11.95
#